data_6BVL
#
_entry.id   6BVL
#
_cell.length_a   184.209
_cell.length_b   184.209
_cell.length_c   179.093
_cell.angle_alpha   90.00
_cell.angle_beta   90.00
_cell.angle_gamma   90.00
#
_symmetry.space_group_name_H-M   'I 4 2 2'
#
loop_
_entity.id
_entity.type
_entity.pdbx_description
1 polymer 'GTPase HRAS'
2 polymer 'Son of sevenless homolog 1'
3 polymer 'GTPase HRas'
4 non-polymer 'PHOSPHOAMINOPHOSPHONIC ACID-GUANYLATE ESTER'
5 non-polymer 'MAGNESIUM ION'
6 non-polymer N-{1-[(5-chloro-1H-indol-3-yl)methyl]piperidin-4-yl}-5-methyl-L-tryptophanamide
7 non-polymer 'FORMIC ACID'
8 non-polymer GLYCEROL
9 non-polymer 'SODIUM ION'
10 water water
#
loop_
_entity_poly.entity_id
_entity_poly.type
_entity_poly.pdbx_seq_one_letter_code
_entity_poly.pdbx_strand_id
1 'polypeptide(L)'
;GMTEYKLVVVGAGGVGKSALTIQLIQNHFVDEYDPTIEDSYRKQVVIDGET(CSO)LLDILDTAGQEEASAMRDQYMRTG
EGFLCVFAINNTKSFEDIHQYREQIKRVKDSDDVPMVLVGNKCDLAARTVESRQAQDLARSYGIPYIETSAKTRQGVEDA
FYTLVREIRQH
;
A
2 'polypeptide(L)'
;GQMRLPSADVYRFAEPDSEENIIFEENMQPKAGIPIIKAGTVIKLIERLTYHMYADPNFVRTFLTTYRSFCKPQELLSLI
IERFEIPEPEPTEADRIAIENGDQPLSAELKRFRKEYIQPVQLRVLNVCRHWVEHHFYDFERDAYLLQRMEEFIGTVRGK
AMKKWVESITKIIQRKKIARDNGPGHNITFQSSPPTVEWHISRPGHIETFDLLTLHPIEIARQLTLLESDLYRAVQPSEL
VGSVWTKEDKEINSPNLLKMIRHTTNLTLWFEKCIVETENLEERVAVVSRIIEILQVFQELNNFNGVLEVVSAMNSSPVY
RLDHTFEQIPSRQKKILEEAHELSEDHYKKYLAKLRSINPPCVPFFGIYLTNILKTEEGNPEVLKRHGKELINFSKRRKV
AEITGEIQQYQNQPYCLRVESDIKRFFENLNPMGNSMEKEFTDYLFNKSLEIEPRNPKPLPRFPKKYSYPLKSPGVRPSN
PR
;
B
3 'polypeptide(L)'
;GMTEYKLVVVGAGGVGKSALTIQLIQNHFVDEYDPTIEDSYRKQVVIDGETCLLDILDTAGQEEYSAMRDQYMRTGEGFL
CVFAINNTKSFEDIHQYREQIKRVKDSDDVPMVLVGNKCDLAARTVESRQAQDLARSYGIPYIETSAKTRQGVEDAFYTL
VREIRQH
;
C
#
# COMPACT_ATOMS: atom_id res chain seq x y z
N MET A 2 -14.36 -10.55 2.25
CA MET A 2 -13.50 -10.45 3.42
C MET A 2 -14.24 -9.82 4.61
N THR A 3 -14.43 -10.60 5.67
CA THR A 3 -15.02 -10.10 6.89
C THR A 3 -13.95 -9.40 7.71
N GLU A 4 -14.30 -8.26 8.31
CA GLU A 4 -13.37 -7.50 9.13
C GLU A 4 -13.67 -7.75 10.61
N TYR A 5 -12.63 -7.97 11.41
CA TYR A 5 -12.76 -8.25 12.84
C TYR A 5 -11.95 -7.23 13.63
N LYS A 6 -12.57 -6.63 14.65
CA LYS A 6 -11.90 -5.64 15.49
C LYS A 6 -11.46 -6.29 16.79
N LEU A 7 -10.16 -6.57 16.92
CA LEU A 7 -9.58 -7.21 18.10
C LEU A 7 -8.87 -6.15 18.93
N VAL A 8 -8.97 -6.27 20.25
CA VAL A 8 -8.31 -5.35 21.16
C VAL A 8 -7.49 -6.16 22.16
N VAL A 9 -6.23 -5.74 22.38
CA VAL A 9 -5.32 -6.43 23.29
C VAL A 9 -5.18 -5.58 24.54
N VAL A 10 -5.57 -6.13 25.70
CA VAL A 10 -5.56 -5.40 26.97
C VAL A 10 -4.82 -6.19 28.03
N GLY A 11 -4.42 -5.49 29.09
CA GLY A 11 -3.68 -6.10 30.18
C GLY A 11 -2.70 -5.12 30.79
N ALA A 12 -2.12 -5.53 31.93
CA ALA A 12 -1.24 -4.66 32.69
C ALA A 12 0.02 -4.27 31.90
N GLY A 13 0.65 -3.18 32.33
CA GLY A 13 1.88 -2.74 31.70
C GLY A 13 2.97 -3.79 31.73
N GLY A 14 3.62 -4.00 30.59
CA GLY A 14 4.79 -4.85 30.50
C GLY A 14 4.53 -6.34 30.37
N VAL A 15 3.28 -6.76 30.18
CA VAL A 15 3.02 -8.20 30.08
C VAL A 15 3.35 -8.77 28.70
N GLY A 16 3.53 -7.91 27.69
CA GLY A 16 3.87 -8.33 26.35
C GLY A 16 2.78 -8.16 25.31
N LYS A 17 1.83 -7.24 25.53
CA LYS A 17 0.78 -7.01 24.53
C LYS A 17 1.37 -6.60 23.20
N SER A 18 2.29 -5.64 23.22
CA SER A 18 2.90 -5.18 21.97
C SER A 18 3.77 -6.27 21.35
N ALA A 19 4.56 -6.97 22.17
CA ALA A 19 5.41 -8.01 21.61
C ALA A 19 4.58 -9.11 20.96
N LEU A 20 3.48 -9.51 21.60
CA LEU A 20 2.58 -10.49 20.99
C LEU A 20 2.06 -10.00 19.65
N THR A 21 1.62 -8.74 19.58
CA THR A 21 1.02 -8.21 18.37
C THR A 21 2.04 -8.11 17.23
N ILE A 22 3.25 -7.61 17.55
CA ILE A 22 4.27 -7.47 16.52
C ILE A 22 4.79 -8.84 16.07
N GLN A 23 4.85 -9.82 16.97
CA GLN A 23 5.16 -11.18 16.53
C GLN A 23 4.13 -11.70 15.53
N LEU A 24 2.83 -11.49 15.82
CA LEU A 24 1.80 -11.90 14.87
C LEU A 24 1.92 -11.15 13.54
N ILE A 25 2.17 -9.85 13.59
CA ILE A 25 2.11 -9.02 12.38
C ILE A 25 3.37 -9.20 11.54
N GLN A 26 4.54 -9.18 12.20
CA GLN A 26 5.83 -9.10 11.49
C GLN A 26 6.72 -10.31 11.67
N ASN A 27 6.34 -11.30 12.48
CA ASN A 27 7.20 -12.45 12.80
C ASN A 27 8.52 -12.01 13.44
N HIS A 28 8.47 -10.94 14.24
CA HIS A 28 9.65 -10.35 14.87
C HIS A 28 9.40 -10.17 16.36
N PHE A 29 10.40 -10.50 17.20
CA PHE A 29 10.29 -10.29 18.64
C PHE A 29 10.97 -8.99 19.05
N VAL A 30 10.22 -8.12 19.71
CA VAL A 30 10.73 -6.83 20.19
C VAL A 30 11.31 -7.02 21.58
N ASP A 31 12.61 -6.72 21.73
CA ASP A 31 13.27 -6.82 23.02
C ASP A 31 13.05 -5.59 23.89
N GLU A 32 12.88 -4.43 23.28
CA GLU A 32 12.70 -3.19 24.02
C GLU A 32 11.33 -3.15 24.67
N TYR A 33 11.24 -2.37 25.74
CA TYR A 33 10.01 -2.14 26.49
C TYR A 33 9.70 -0.65 26.32
N ASP A 34 8.99 -0.31 25.23
CA ASP A 34 8.51 1.04 24.94
C ASP A 34 7.03 1.09 25.26
N PRO A 35 6.62 1.70 26.36
CA PRO A 35 5.20 1.68 26.76
C PRO A 35 4.31 2.31 25.70
N THR A 36 3.23 1.60 25.39
CA THR A 36 2.31 1.99 24.34
C THR A 36 1.34 3.04 24.83
N ILE A 37 0.94 3.94 23.93
CA ILE A 37 -0.19 4.83 24.20
C ILE A 37 -1.40 4.23 23.51
N GLU A 38 -1.37 4.15 22.18
CA GLU A 38 -2.31 3.32 21.43
C GLU A 38 -1.81 3.13 20.02
N ASP A 39 -1.73 1.88 19.57
CA ASP A 39 -1.23 1.53 18.25
C ASP A 39 -2.27 0.66 17.57
N SER A 40 -2.23 0.65 16.24
N SER A 40 -2.28 0.65 16.24
CA SER A 40 -3.18 -0.10 15.42
CA SER A 40 -3.22 -0.19 15.51
C SER A 40 -2.39 -0.91 14.38
C SER A 40 -2.55 -0.84 14.31
N TYR A 41 -2.91 -2.10 14.08
CA TYR A 41 -2.31 -2.94 13.05
C TYR A 41 -3.41 -3.59 12.21
N ARG A 42 -3.07 -3.97 10.98
CA ARG A 42 -4.00 -4.73 10.13
C ARG A 42 -3.31 -5.96 9.58
N LYS A 43 -4.08 -7.04 9.43
CA LYS A 43 -3.56 -8.31 8.93
C LYS A 43 -4.64 -9.05 8.15
N GLN A 44 -4.38 -9.32 6.87
CA GLN A 44 -5.19 -10.23 6.08
C GLN A 44 -4.69 -11.65 6.32
N VAL A 45 -5.60 -12.57 6.63
CA VAL A 45 -5.21 -13.94 6.96
C VAL A 45 -6.38 -14.87 6.71
N VAL A 46 -6.09 -16.08 6.26
CA VAL A 46 -7.12 -17.08 6.05
C VAL A 46 -7.24 -17.92 7.32
N ILE A 47 -8.44 -17.95 7.91
CA ILE A 47 -8.70 -18.67 9.15
C ILE A 47 -9.87 -19.62 8.88
N ASP A 48 -9.65 -20.92 9.11
CA ASP A 48 -10.66 -21.94 8.82
C ASP A 48 -11.22 -21.79 7.41
N GLY A 49 -10.34 -21.53 6.45
CA GLY A 49 -10.70 -21.46 5.05
C GLY A 49 -11.37 -20.18 4.61
N GLU A 50 -11.54 -19.20 5.50
N GLU A 50 -11.54 -19.20 5.50
CA GLU A 50 -12.19 -17.95 5.16
CA GLU A 50 -12.21 -17.95 5.17
C GLU A 50 -11.21 -16.81 5.32
C GLU A 50 -11.23 -16.79 5.33
N THR A 51 -11.13 -15.95 4.31
CA THR A 51 -10.21 -14.83 4.37
C THR A 51 -10.80 -13.73 5.23
N LEU A 53 -9.87 -9.86 7.56
CA LEU A 53 -9.03 -8.72 7.80
C LEU A 53 -9.11 -8.42 9.27
N LEU A 54 -8.01 -8.60 9.99
CA LEU A 54 -7.99 -8.32 11.42
C LEU A 54 -7.55 -6.88 11.63
N ASP A 55 -8.32 -6.11 12.38
CA ASP A 55 -7.89 -4.81 12.90
C ASP A 55 -7.52 -5.03 14.35
N ILE A 56 -6.27 -4.80 14.71
CA ILE A 56 -5.78 -5.11 16.05
C ILE A 56 -5.39 -3.80 16.73
N LEU A 57 -6.06 -3.51 17.85
CA LEU A 57 -5.76 -2.33 18.64
C LEU A 57 -4.88 -2.76 19.82
N ASP A 58 -3.72 -2.15 19.93
CA ASP A 58 -2.75 -2.45 20.98
C ASP A 58 -2.79 -1.31 21.99
N THR A 59 -3.18 -1.61 23.24
CA THR A 59 -3.56 -0.56 24.18
C THR A 59 -2.50 -0.34 25.25
N ALA A 60 -2.72 0.69 26.05
CA ALA A 60 -1.77 1.09 27.09
C ALA A 60 -2.06 0.33 28.38
N GLY A 61 -1.02 -0.30 28.92
CA GLY A 61 -1.14 -0.95 30.21
C GLY A 61 -0.75 -0.09 31.40
N GLN A 62 0.04 0.97 31.18
CA GLN A 62 0.49 1.78 32.32
C GLN A 62 -0.71 2.43 33.01
N GLU A 63 -0.64 2.50 34.35
CA GLU A 63 -1.79 2.98 35.12
C GLU A 63 -2.12 4.44 34.82
N GLU A 64 -1.13 5.21 34.36
CA GLU A 64 -1.38 6.62 34.04
C GLU A 64 -2.39 6.78 32.90
N ALA A 65 -2.61 5.74 32.09
CA ALA A 65 -3.59 5.80 31.02
C ALA A 65 -4.92 5.16 31.38
N SER A 66 -5.15 4.84 32.66
CA SER A 66 -6.29 4.00 33.02
C SER A 66 -7.65 4.70 32.87
N ALA A 67 -7.68 6.02 32.73
CA ALA A 67 -8.95 6.72 32.55
C ALA A 67 -9.35 6.87 31.08
N MET A 68 -8.63 6.23 30.15
CA MET A 68 -8.85 6.45 28.73
C MET A 68 -9.32 5.19 28.00
N ARG A 69 -9.92 4.24 28.72
CA ARG A 69 -10.21 2.93 28.15
C ARG A 69 -11.59 2.78 27.54
N ASP A 70 -12.60 3.50 28.05
CA ASP A 70 -13.95 3.30 27.53
C ASP A 70 -13.98 3.45 26.01
N GLN A 71 -13.24 4.44 25.49
CA GLN A 71 -13.33 4.75 24.06
C GLN A 71 -12.87 3.58 23.20
N TYR A 72 -11.86 2.82 23.64
CA TYR A 72 -11.49 1.68 22.80
C TYR A 72 -12.32 0.43 23.09
N MET A 73 -12.86 0.31 24.30
CA MET A 73 -13.69 -0.87 24.58
C MET A 73 -15.01 -0.80 23.83
N ARG A 74 -15.51 0.40 23.56
CA ARG A 74 -16.74 0.54 22.79
C ARG A 74 -16.57 -0.01 21.38
N THR A 75 -15.41 0.20 20.76
CA THR A 75 -15.24 -0.18 19.36
C THR A 75 -14.84 -1.64 19.17
N GLY A 76 -14.25 -2.28 20.17
CA GLY A 76 -13.73 -3.63 19.97
C GLY A 76 -14.82 -4.67 19.93
N GLU A 77 -14.64 -5.67 19.06
N GLU A 77 -14.62 -5.70 19.09
CA GLU A 77 -15.54 -6.80 19.02
CA GLU A 77 -15.54 -6.82 18.98
C GLU A 77 -15.09 -7.90 19.98
C GLU A 77 -15.07 -8.05 19.75
N GLY A 78 -13.79 -8.11 20.10
CA GLY A 78 -13.26 -9.19 20.92
C GLY A 78 -12.00 -8.73 21.60
N PHE A 79 -11.71 -9.32 22.76
CA PHE A 79 -10.59 -8.84 23.59
C PHE A 79 -9.65 -9.97 23.97
N LEU A 80 -8.36 -9.76 23.73
N LEU A 80 -8.35 -9.72 23.79
CA LEU A 80 -7.33 -10.62 24.31
CA LEU A 80 -7.31 -10.60 24.29
C LEU A 80 -6.95 -10.03 25.65
C LEU A 80 -6.85 -10.07 25.65
N CYS A 81 -7.18 -10.79 26.72
CA CYS A 81 -6.89 -10.33 28.09
C CYS A 81 -5.59 -10.98 28.52
N VAL A 82 -4.50 -10.20 28.54
CA VAL A 82 -3.14 -10.72 28.66
C VAL A 82 -2.60 -10.44 30.05
N PHE A 83 -2.00 -11.47 30.67
CA PHE A 83 -1.15 -11.29 31.84
C PHE A 83 0.15 -12.02 31.57
N ALA A 84 1.14 -11.84 32.44
CA ALA A 84 2.42 -12.52 32.30
C ALA A 84 2.53 -13.58 33.39
N ILE A 85 2.95 -14.80 33.02
CA ILE A 85 2.92 -15.91 33.98
C ILE A 85 3.99 -15.78 35.05
N ASN A 86 4.89 -14.80 34.94
CA ASN A 86 5.87 -14.53 36.00
C ASN A 86 5.54 -13.25 36.77
N ASN A 87 4.31 -12.76 36.69
N ASN A 87 4.29 -12.81 36.72
CA ASN A 87 3.93 -11.52 37.37
CA ASN A 87 3.87 -11.53 37.30
C ASN A 87 2.52 -11.71 37.95
C ASN A 87 2.46 -11.72 37.89
N THR A 88 2.46 -12.02 39.25
N THR A 88 2.41 -12.05 39.19
CA THR A 88 1.18 -12.30 39.89
CA THR A 88 1.11 -12.32 39.81
C THR A 88 0.24 -11.09 39.85
C THR A 88 0.22 -11.08 39.86
N LYS A 89 0.79 -9.89 40.01
CA LYS A 89 -0.04 -8.69 40.02
C LYS A 89 -0.76 -8.53 38.68
N SER A 90 -0.09 -8.83 37.56
CA SER A 90 -0.75 -8.72 36.26
C SER A 90 -1.91 -9.70 36.15
N PHE A 91 -1.80 -10.87 36.78
CA PHE A 91 -2.93 -11.80 36.80
C PHE A 91 -4.07 -11.26 37.64
N GLU A 92 -3.77 -10.66 38.80
CA GLU A 92 -4.82 -10.05 39.60
C GLU A 92 -5.46 -8.85 38.92
N ASP A 93 -4.77 -8.19 37.98
CA ASP A 93 -5.36 -7.08 37.25
C ASP A 93 -6.35 -7.53 36.19
N ILE A 94 -6.37 -8.82 35.84
CA ILE A 94 -7.24 -9.29 34.75
C ILE A 94 -8.70 -8.99 35.05
N HIS A 95 -9.15 -9.22 36.29
CA HIS A 95 -10.58 -9.11 36.53
C HIS A 95 -11.07 -7.68 36.38
N GLN A 96 -10.22 -6.68 36.68
N GLN A 96 -10.21 -6.69 36.65
CA GLN A 96 -10.60 -5.30 36.43
CA GLN A 96 -10.59 -5.30 36.45
C GLN A 96 -10.91 -5.08 34.96
C GLN A 96 -10.84 -4.99 34.98
N TYR A 97 -10.03 -5.55 34.07
CA TYR A 97 -10.27 -5.39 32.65
C TYR A 97 -11.56 -6.10 32.23
N ARG A 98 -11.74 -7.33 32.71
CA ARG A 98 -12.94 -8.10 32.38
C ARG A 98 -14.20 -7.36 32.80
N GLU A 99 -14.20 -6.78 34.01
CA GLU A 99 -15.40 -6.11 34.50
C GLU A 99 -15.64 -4.80 33.76
N GLN A 100 -14.57 -4.08 33.42
CA GLN A 100 -14.76 -2.83 32.67
C GLN A 100 -15.31 -3.10 31.29
N ILE A 101 -14.80 -4.15 30.61
CA ILE A 101 -15.30 -4.47 29.27
C ILE A 101 -16.79 -4.79 29.34
N LYS A 102 -17.20 -5.60 30.32
CA LYS A 102 -18.60 -5.95 30.46
C LYS A 102 -19.47 -4.72 30.73
N ARG A 103 -18.99 -3.79 31.56
N ARG A 103 -18.96 -3.79 31.53
CA ARG A 103 -19.77 -2.58 31.81
CA ARG A 103 -19.68 -2.57 31.86
C ARG A 103 -19.92 -1.77 30.53
C ARG A 103 -19.87 -1.68 30.63
N VAL A 104 -18.79 -1.47 29.86
CA VAL A 104 -18.83 -0.58 28.71
C VAL A 104 -19.71 -1.15 27.61
N LYS A 105 -19.55 -2.43 27.31
CA LYS A 105 -20.33 -3.04 26.24
C LYS A 105 -21.70 -3.50 26.73
N ASP A 106 -22.01 -3.30 28.00
CA ASP A 106 -23.29 -3.67 28.60
C ASP A 106 -23.69 -5.08 28.19
N SER A 107 -22.79 -6.03 28.48
CA SER A 107 -22.98 -7.39 28.02
C SER A 107 -22.19 -8.35 28.89
N ASP A 108 -22.81 -9.49 29.19
CA ASP A 108 -22.18 -10.59 29.88
C ASP A 108 -21.53 -11.58 28.90
N ASP A 109 -21.62 -11.31 27.60
CA ASP A 109 -21.28 -12.28 26.56
C ASP A 109 -20.36 -11.66 25.51
N VAL A 110 -19.24 -11.10 25.95
CA VAL A 110 -18.29 -10.47 25.03
C VAL A 110 -17.21 -11.48 24.64
N PRO A 111 -16.91 -11.66 23.35
CA PRO A 111 -15.80 -12.54 22.95
C PRO A 111 -14.49 -12.15 23.61
N MET A 112 -13.88 -13.10 24.31
N MET A 112 -13.86 -13.10 24.29
CA MET A 112 -12.62 -12.88 25.02
CA MET A 112 -12.62 -12.84 25.00
C MET A 112 -11.79 -14.15 25.01
C MET A 112 -11.80 -14.13 25.06
N VAL A 113 -10.48 -13.97 25.14
CA VAL A 113 -9.54 -15.07 25.36
C VAL A 113 -8.60 -14.64 26.48
N LEU A 114 -8.36 -15.51 27.45
CA LEU A 114 -7.38 -15.26 28.51
C LEU A 114 -6.01 -15.73 28.04
N VAL A 115 -5.01 -14.84 28.08
CA VAL A 115 -3.68 -15.16 27.56
C VAL A 115 -2.66 -15.04 28.68
N GLY A 116 -1.93 -16.13 28.94
CA GLY A 116 -0.82 -16.13 29.85
C GLY A 116 0.49 -16.07 29.09
N ASN A 117 1.13 -14.90 29.03
CA ASN A 117 2.27 -14.68 28.16
C ASN A 117 3.60 -14.91 28.90
N LYS A 118 4.68 -14.93 28.12
CA LYS A 118 6.05 -15.17 28.59
C LYS A 118 6.25 -16.61 29.05
N CYS A 119 5.60 -17.56 28.38
CA CYS A 119 5.69 -18.96 28.80
C CYS A 119 7.03 -19.60 28.43
N ASP A 120 7.93 -18.87 27.77
CA ASP A 120 9.29 -19.31 27.55
C ASP A 120 10.15 -19.19 28.80
N LEU A 121 9.72 -18.43 29.79
CA LEU A 121 10.50 -18.21 31.01
C LEU A 121 10.23 -19.33 32.00
N ALA A 122 11.29 -19.86 32.61
CA ALA A 122 11.14 -20.97 33.55
C ALA A 122 10.49 -20.52 34.85
N ALA A 123 10.79 -19.31 35.30
CA ALA A 123 10.43 -18.87 36.66
C ALA A 123 8.98 -18.36 36.71
N ARG A 124 8.06 -19.33 36.63
CA ARG A 124 6.63 -19.05 36.67
C ARG A 124 6.16 -18.75 38.09
N THR A 125 5.28 -17.76 38.23
CA THR A 125 4.63 -17.50 39.52
C THR A 125 3.11 -17.66 39.50
N VAL A 126 2.48 -17.73 38.33
CA VAL A 126 1.06 -18.01 38.20
C VAL A 126 0.92 -19.41 37.60
N GLU A 127 0.30 -20.32 38.35
CA GLU A 127 0.15 -21.68 37.85
C GLU A 127 -0.96 -21.75 36.79
N SER A 128 -0.76 -22.65 35.82
CA SER A 128 -1.74 -22.81 34.75
C SER A 128 -3.13 -23.10 35.31
N ARG A 129 -3.19 -23.90 36.37
CA ARG A 129 -4.48 -24.29 36.95
C ARG A 129 -5.26 -23.08 37.45
N GLN A 130 -4.58 -22.15 38.13
CA GLN A 130 -5.27 -20.96 38.65
C GLN A 130 -5.83 -20.12 37.50
N ALA A 131 -5.07 -19.98 36.41
CA ALA A 131 -5.56 -19.21 35.27
C ALA A 131 -6.69 -19.95 34.57
N GLN A 132 -6.56 -21.27 34.44
CA GLN A 132 -7.63 -22.05 33.80
C GLN A 132 -8.92 -21.97 34.60
N ASP A 133 -8.82 -21.98 35.94
CA ASP A 133 -10.02 -21.85 36.78
C ASP A 133 -10.72 -20.51 36.50
N LEU A 134 -9.94 -19.42 36.41
CA LEU A 134 -10.52 -18.12 36.11
C LEU A 134 -11.18 -18.11 34.75
N ALA A 135 -10.50 -18.66 33.74
CA ALA A 135 -11.08 -18.71 32.39
C ALA A 135 -12.42 -19.45 32.40
N ARG A 136 -12.49 -20.60 33.08
CA ARG A 136 -13.74 -21.35 33.13
C ARG A 136 -14.85 -20.51 33.75
N SER A 137 -14.51 -19.74 34.80
CA SER A 137 -15.50 -18.88 35.45
C SER A 137 -16.02 -17.79 34.53
N TYR A 138 -15.22 -17.41 33.52
CA TYR A 138 -15.61 -16.44 32.51
C TYR A 138 -16.26 -17.09 31.29
N GLY A 139 -16.17 -18.42 31.16
CA GLY A 139 -16.64 -19.08 29.97
C GLY A 139 -15.75 -18.94 28.74
N ILE A 140 -14.45 -18.75 28.93
CA ILE A 140 -13.56 -18.44 27.80
C ILE A 140 -12.35 -19.36 27.84
N PRO A 141 -11.66 -19.54 26.70
CA PRO A 141 -10.46 -20.38 26.69
C PRO A 141 -9.26 -19.64 27.28
N TYR A 142 -8.29 -20.44 27.69
CA TYR A 142 -7.02 -19.97 28.23
C TYR A 142 -5.89 -20.51 27.36
N ILE A 143 -5.05 -19.61 26.87
CA ILE A 143 -3.96 -19.99 25.96
C ILE A 143 -2.67 -19.37 26.49
N GLU A 144 -1.65 -20.20 26.71
CA GLU A 144 -0.35 -19.69 27.12
C GLU A 144 0.51 -19.43 25.88
N THR A 145 1.22 -18.31 25.90
CA THR A 145 1.93 -17.81 24.72
C THR A 145 3.34 -17.38 25.07
N SER A 146 4.17 -17.29 24.03
CA SER A 146 5.46 -16.61 24.12
C SER A 146 5.63 -15.74 22.88
N ALA A 147 5.65 -14.42 23.08
CA ALA A 147 5.95 -13.55 21.96
C ALA A 147 7.37 -13.75 21.46
N LYS A 148 8.25 -14.30 22.31
CA LYS A 148 9.65 -14.52 21.93
C LYS A 148 9.80 -15.72 21.00
N THR A 149 9.17 -16.85 21.33
CA THR A 149 9.34 -18.06 20.53
C THR A 149 8.23 -18.31 19.52
N ARG A 150 7.11 -17.58 19.61
CA ARG A 150 5.88 -17.73 18.82
C ARG A 150 4.95 -18.80 19.37
N GLN A 151 5.34 -19.55 20.39
CA GLN A 151 4.45 -20.57 20.95
C GLN A 151 3.08 -19.96 21.28
N GLY A 152 2.02 -20.55 20.73
CA GLY A 152 0.67 -20.15 21.08
C GLY A 152 0.16 -18.84 20.49
N VAL A 153 0.99 -18.10 19.76
CA VAL A 153 0.60 -16.74 19.36
C VAL A 153 -0.54 -16.78 18.35
N GLU A 154 -0.38 -17.53 17.26
CA GLU A 154 -1.48 -17.66 16.30
C GLU A 154 -2.72 -18.25 16.96
N ASP A 155 -2.54 -19.25 17.84
CA ASP A 155 -3.68 -19.87 18.50
C ASP A 155 -4.48 -18.85 19.30
N ALA A 156 -3.80 -17.95 20.02
CA ALA A 156 -4.53 -16.97 20.83
C ALA A 156 -5.36 -16.04 19.96
N PHE A 157 -4.74 -15.42 18.95
CA PHE A 157 -5.44 -14.45 18.14
C PHE A 157 -6.53 -15.12 17.31
N TYR A 158 -6.24 -16.29 16.73
CA TYR A 158 -7.22 -16.88 15.84
C TYR A 158 -8.36 -17.55 16.60
N THR A 159 -8.11 -17.99 17.85
CA THR A 159 -9.21 -18.44 18.70
C THR A 159 -10.18 -17.29 18.98
N LEU A 160 -9.65 -16.09 19.21
CA LEU A 160 -10.51 -14.93 19.43
C LEU A 160 -11.35 -14.64 18.19
N VAL A 161 -10.76 -14.73 16.99
CA VAL A 161 -11.52 -14.54 15.76
C VAL A 161 -12.68 -15.52 15.70
N ARG A 162 -12.41 -16.79 16.01
CA ARG A 162 -13.47 -17.79 15.97
C ARG A 162 -14.59 -17.46 16.95
N GLU A 163 -14.27 -16.86 18.08
N GLU A 163 -14.24 -16.92 18.13
CA GLU A 163 -15.31 -16.53 19.05
CA GLU A 163 -15.26 -16.49 19.08
C GLU A 163 -16.14 -15.32 18.62
C GLU A 163 -16.14 -15.40 18.49
N ILE A 164 -15.52 -14.38 17.91
CA ILE A 164 -16.30 -13.30 17.30
C ILE A 164 -17.19 -13.85 16.20
N ARG A 165 -16.65 -14.78 15.38
CA ARG A 165 -17.40 -15.33 14.27
C ARG A 165 -18.64 -16.08 14.75
N GLN A 166 -18.53 -16.82 15.85
CA GLN A 166 -19.64 -17.61 16.35
C GLN A 166 -20.54 -16.84 17.31
N HIS A 167 -20.21 -15.59 17.61
CA HIS A 167 -20.97 -14.77 18.54
C HIS A 167 -22.36 -14.45 18.03
N GLY B 1 -22.82 18.02 33.35
CA GLY B 1 -22.58 18.90 32.21
C GLY B 1 -21.19 18.70 31.63
N GLN B 2 -20.96 19.25 30.45
CA GLN B 2 -19.63 19.16 29.86
C GLN B 2 -18.65 20.00 30.65
N MET B 3 -17.37 19.65 30.52
CA MET B 3 -16.33 20.47 31.12
C MET B 3 -16.27 21.81 30.44
N ARG B 4 -16.06 22.85 31.23
CA ARG B 4 -15.73 24.13 30.64
C ARG B 4 -14.32 24.08 30.07
N LEU B 5 -14.06 24.94 29.10
CA LEU B 5 -12.82 24.96 28.34
C LEU B 5 -12.09 26.28 28.56
N PRO B 6 -10.79 26.34 28.27
CA PRO B 6 -10.11 27.63 28.28
C PRO B 6 -10.77 28.58 27.28
N SER B 7 -10.57 29.88 27.51
CA SER B 7 -11.00 30.87 26.54
C SER B 7 -10.30 30.65 25.21
N ALA B 8 -11.05 30.71 24.11
CA ALA B 8 -10.45 30.55 22.80
C ALA B 8 -9.43 31.63 22.48
N ASP B 9 -9.44 32.73 23.24
CA ASP B 9 -8.45 33.79 23.07
C ASP B 9 -7.09 33.42 23.63
N VAL B 10 -7.02 32.56 24.63
CA VAL B 10 -5.72 32.10 25.13
C VAL B 10 -5.35 30.70 24.62
N TYR B 11 -6.31 29.94 24.11
CA TYR B 11 -6.05 28.57 23.66
C TYR B 11 -6.88 28.31 22.41
N ARG B 12 -6.24 28.32 21.24
CA ARG B 12 -6.96 28.34 19.98
C ARG B 12 -7.79 27.09 19.75
N PHE B 13 -7.46 25.98 20.39
CA PHE B 13 -8.13 24.72 20.12
C PHE B 13 -9.45 24.57 20.89
N ALA B 14 -9.94 25.63 21.52
CA ALA B 14 -11.22 25.59 22.22
C ALA B 14 -12.33 26.29 21.44
N GLU B 15 -12.03 26.79 20.25
CA GLU B 15 -13.07 27.39 19.42
C GLU B 15 -14.15 26.36 19.11
N PRO B 16 -15.42 26.74 19.15
CA PRO B 16 -16.48 25.77 18.86
C PRO B 16 -16.43 25.31 17.40
N ASP B 17 -16.79 24.04 17.20
CA ASP B 17 -16.99 23.52 15.85
C ASP B 17 -18.07 24.31 15.13
N SER B 18 -17.80 24.62 13.86
CA SER B 18 -18.83 25.20 13.00
C SER B 18 -18.51 24.79 11.58
N GLU B 19 -19.49 24.96 10.68
CA GLU B 19 -19.24 24.66 9.29
C GLU B 19 -18.21 25.60 8.65
N GLU B 20 -17.84 26.68 9.33
CA GLU B 20 -16.75 27.51 8.85
C GLU B 20 -15.38 26.97 9.21
N ASN B 21 -15.28 25.92 10.05
CA ASN B 21 -13.96 25.37 10.38
C ASN B 21 -13.87 23.85 10.35
N ILE B 22 -14.98 23.11 10.26
CA ILE B 22 -14.91 21.65 10.17
C ILE B 22 -16.20 21.13 9.53
N ILE B 23 -16.07 20.14 8.64
CA ILE B 23 -17.20 19.49 8.01
C ILE B 23 -17.02 17.98 8.17
N PHE B 24 -18.06 17.31 8.66
CA PHE B 24 -18.00 15.86 8.86
C PHE B 24 -18.69 15.14 7.71
N GLU B 25 -18.25 13.92 7.44
CA GLU B 25 -18.97 13.05 6.52
C GLU B 25 -20.28 12.59 7.16
N GLU B 26 -21.24 12.28 6.30
CA GLU B 26 -22.52 11.74 6.76
C GLU B 26 -22.33 10.30 7.27
N GLY B 33 -18.26 4.47 16.58
CA GLY B 33 -19.07 5.53 16.00
C GLY B 33 -18.45 6.89 16.17
N ILE B 34 -17.15 7.00 15.88
CA ILE B 34 -16.47 8.28 15.95
C ILE B 34 -16.69 9.02 14.64
N PRO B 35 -16.72 10.35 14.64
CA PRO B 35 -16.97 11.09 13.40
C PRO B 35 -15.81 10.96 12.42
N ILE B 36 -16.15 11.10 11.15
CA ILE B 36 -15.19 11.05 10.04
C ILE B 36 -15.15 12.45 9.42
N ILE B 37 -13.95 13.02 9.31
CA ILE B 37 -13.80 14.41 8.89
C ILE B 37 -13.71 14.49 7.38
N LYS B 38 -14.56 15.31 6.78
CA LYS B 38 -14.46 15.60 5.36
C LYS B 38 -13.47 16.73 5.06
N ALA B 39 -13.54 17.82 5.84
CA ALA B 39 -12.71 18.98 5.61
C ALA B 39 -12.59 19.77 6.90
N GLY B 40 -11.53 20.56 7.01
CA GLY B 40 -11.43 21.46 8.16
C GLY B 40 -10.20 22.33 8.07
N THR B 41 -10.14 23.30 8.99
CA THR B 41 -8.91 24.07 9.14
C THR B 41 -7.83 23.19 9.75
N VAL B 42 -6.57 23.61 9.60
CA VAL B 42 -5.49 22.82 10.19
C VAL B 42 -5.63 22.76 11.72
N ILE B 43 -6.09 23.86 12.34
CA ILE B 43 -6.31 23.87 13.79
C ILE B 43 -7.33 22.81 14.18
N LYS B 44 -8.43 22.71 13.42
CA LYS B 44 -9.45 21.72 13.76
C LYS B 44 -8.96 20.29 13.50
N LEU B 45 -8.17 20.10 12.43
CA LEU B 45 -7.62 18.77 12.18
C LEU B 45 -6.73 18.33 13.33
N ILE B 46 -5.90 19.25 13.85
CA ILE B 46 -4.99 18.89 14.93
C ILE B 46 -5.76 18.66 16.23
N GLU B 47 -6.82 19.45 16.47
CA GLU B 47 -7.68 19.19 17.63
C GLU B 47 -8.24 17.78 17.59
N ARG B 48 -8.77 17.37 16.44
CA ARG B 48 -9.38 16.04 16.36
C ARG B 48 -8.33 14.95 16.31
N LEU B 49 -7.13 15.28 15.84
CA LEU B 49 -6.01 14.35 15.88
C LEU B 49 -5.64 13.96 17.30
N THR B 50 -5.95 14.82 18.26
CA THR B 50 -5.52 14.69 19.64
C THR B 50 -6.70 14.91 20.57
N TYR B 51 -7.85 14.33 20.22
CA TYR B 51 -9.12 14.71 20.84
C TYR B 51 -9.26 14.11 22.23
N HIS B 52 -9.89 14.87 23.14
CA HIS B 52 -9.94 14.38 24.52
C HIS B 52 -10.93 13.22 24.69
N MET B 53 -11.90 13.07 23.80
CA MET B 53 -12.95 12.08 24.02
C MET B 53 -12.59 10.69 23.49
N TYR B 54 -11.68 10.59 22.53
CA TYR B 54 -11.39 9.29 21.94
C TYR B 54 -10.04 9.34 21.24
N ALA B 55 -9.45 8.17 21.07
CA ALA B 55 -8.26 8.00 20.24
C ALA B 55 -8.69 7.59 18.83
N ASP B 56 -7.87 7.94 17.85
CA ASP B 56 -8.18 7.67 16.45
C ASP B 56 -6.87 7.25 15.77
N PRO B 57 -6.38 6.05 16.06
CA PRO B 57 -5.07 5.64 15.51
C PRO B 57 -5.02 5.66 14.00
N ASN B 58 -6.10 5.33 13.30
N ASN B 58 -6.10 5.26 13.33
CA ASN B 58 -6.06 5.38 11.85
CA ASN B 58 -6.14 5.38 11.88
C ASN B 58 -6.02 6.82 11.34
C ASN B 58 -5.88 6.82 11.45
N PHE B 59 -6.56 7.77 12.11
CA PHE B 59 -6.41 9.18 11.75
C PHE B 59 -4.97 9.64 11.96
N VAL B 60 -4.32 9.17 13.04
CA VAL B 60 -2.91 9.54 13.25
C VAL B 60 -2.06 9.08 12.07
N ARG B 61 -2.26 7.84 11.63
CA ARG B 61 -1.50 7.36 10.47
C ARG B 61 -1.83 8.15 9.21
N THR B 62 -3.13 8.34 8.94
CA THR B 62 -3.54 9.11 7.76
C THR B 62 -2.90 10.48 7.77
N PHE B 63 -3.05 11.19 8.90
CA PHE B 63 -2.53 12.55 9.01
C PHE B 63 -1.01 12.59 8.83
N LEU B 64 -0.27 11.75 9.57
CA LEU B 64 1.18 11.80 9.48
C LEU B 64 1.68 11.36 8.10
N THR B 65 0.91 10.54 7.38
CA THR B 65 1.32 10.14 6.03
C THR B 65 1.14 11.28 5.03
N THR B 66 0.09 12.11 5.18
CA THR B 66 -0.33 13.01 4.12
C THR B 66 -0.23 14.50 4.44
N TYR B 67 0.16 14.89 5.66
CA TYR B 67 -0.04 16.28 6.06
C TYR B 67 0.84 17.26 5.27
N ARG B 68 1.93 16.81 4.65
CA ARG B 68 2.85 17.78 4.08
C ARG B 68 2.25 18.49 2.86
N SER B 69 1.14 17.97 2.31
CA SER B 69 0.41 18.65 1.24
C SER B 69 -0.35 19.86 1.74
N PHE B 70 -0.47 20.06 3.06
CA PHE B 70 -1.15 21.25 3.56
C PHE B 70 -0.48 21.92 4.76
N CYS B 71 0.60 21.37 5.32
CA CYS B 71 1.26 21.96 6.48
C CYS B 71 2.72 21.56 6.46
N LYS B 72 3.63 22.52 6.67
CA LYS B 72 5.04 22.16 6.68
C LYS B 72 5.40 21.43 7.98
N PRO B 73 6.41 20.55 7.94
CA PRO B 73 6.82 19.86 9.18
C PRO B 73 7.14 20.80 10.34
N GLN B 74 7.84 21.91 10.10
CA GLN B 74 8.15 22.84 11.19
C GLN B 74 6.88 23.43 11.78
N GLU B 75 5.88 23.69 10.93
CA GLU B 75 4.64 24.28 11.42
C GLU B 75 3.81 23.25 12.17
N LEU B 76 3.82 22.00 11.71
CA LEU B 76 3.13 20.95 12.46
C LEU B 76 3.68 20.84 13.88
N LEU B 77 5.01 20.84 14.03
CA LEU B 77 5.57 20.73 15.38
C LEU B 77 5.17 21.93 16.24
N SER B 78 5.20 23.14 15.68
CA SER B 78 4.75 24.29 16.45
C SER B 78 3.30 24.13 16.90
N LEU B 79 2.44 23.60 16.02
CA LEU B 79 1.03 23.47 16.36
C LEU B 79 0.79 22.40 17.41
N ILE B 80 1.54 21.29 17.37
CA ILE B 80 1.23 20.31 18.41
C ILE B 80 1.82 20.70 19.75
N ILE B 81 2.91 21.49 19.76
CA ILE B 81 3.40 22.04 21.01
C ILE B 81 2.38 23.02 21.59
N GLU B 82 1.78 23.85 20.74
CA GLU B 82 0.72 24.76 21.18
C GLU B 82 -0.48 23.97 21.72
N ARG B 83 -0.83 22.86 21.06
CA ARG B 83 -1.91 22.00 21.56
C ARG B 83 -1.60 21.44 22.93
N PHE B 84 -0.34 21.09 23.17
CA PHE B 84 0.08 20.45 24.42
C PHE B 84 -0.05 21.39 25.62
N GLU B 85 0.15 22.69 25.40
N GLU B 85 0.20 22.69 25.42
CA GLU B 85 0.31 23.64 26.51
CA GLU B 85 0.31 23.63 26.53
C GLU B 85 -1.06 24.20 26.90
C GLU B 85 -1.08 24.18 26.87
N ILE B 86 -1.80 23.40 27.66
CA ILE B 86 -3.20 23.68 28.00
C ILE B 86 -3.25 24.42 29.33
N PRO B 87 -3.92 25.56 29.40
CA PRO B 87 -4.03 26.27 30.68
C PRO B 87 -5.00 25.58 31.62
N GLU B 88 -4.68 25.64 32.96
CA GLU B 88 -5.57 25.05 33.95
C GLU B 88 -6.57 26.10 34.41
N PRO B 89 -7.78 25.68 34.78
CA PRO B 89 -8.80 26.66 35.19
C PRO B 89 -8.52 27.20 36.59
N GLU B 90 -9.07 28.38 36.87
CA GLU B 90 -8.93 29.02 38.17
C GLU B 90 -9.83 28.35 39.21
N PRO B 91 -9.53 28.52 40.50
CA PRO B 91 -10.41 27.97 41.55
C PRO B 91 -11.84 28.45 41.40
N THR B 92 -12.79 27.56 41.71
CA THR B 92 -14.21 27.89 41.67
C THR B 92 -14.65 28.58 42.95
N GLU B 93 -15.91 29.02 42.96
CA GLU B 93 -16.46 29.69 44.13
C GLU B 93 -16.36 28.81 45.37
N ALA B 94 -16.67 27.52 45.25
CA ALA B 94 -16.59 26.64 46.41
C ALA B 94 -15.15 26.50 46.90
N ASP B 95 -14.20 26.45 45.96
CA ASP B 95 -12.79 26.41 46.34
C ASP B 95 -12.38 27.69 47.05
N ARG B 96 -12.83 28.85 46.57
N ARG B 96 -12.84 28.83 46.54
CA ARG B 96 -12.45 30.11 47.20
CA ARG B 96 -12.53 30.12 47.14
C ARG B 96 -12.99 30.18 48.62
C ARG B 96 -13.00 30.18 48.58
N ILE B 97 -14.24 29.74 48.83
CA ILE B 97 -14.80 29.79 50.17
C ILE B 97 -14.04 28.88 51.13
N ALA B 98 -13.63 27.69 50.65
CA ALA B 98 -12.82 26.82 51.49
C ALA B 98 -11.50 27.48 51.86
N ILE B 99 -10.83 28.08 50.88
CA ILE B 99 -9.54 28.70 51.14
C ILE B 99 -9.68 29.87 52.12
N GLU B 100 -10.78 30.62 52.01
CA GLU B 100 -10.99 31.74 52.92
C GLU B 100 -11.19 31.28 54.36
N ASN B 101 -11.60 30.03 54.56
CA ASN B 101 -11.73 29.48 55.90
C ASN B 101 -10.51 28.68 56.32
N GLY B 102 -9.42 28.76 55.57
CA GLY B 102 -8.21 28.04 55.92
C GLY B 102 -8.26 26.56 55.67
N ASP B 103 -9.25 26.08 54.93
CA ASP B 103 -9.39 24.66 54.60
C ASP B 103 -8.83 24.36 53.22
N GLN B 104 -8.57 23.08 52.98
CA GLN B 104 -8.10 22.67 51.67
C GLN B 104 -9.29 22.58 50.71
N PRO B 105 -9.21 23.20 49.53
CA PRO B 105 -10.32 23.10 48.57
C PRO B 105 -10.44 21.69 48.01
N LEU B 106 -11.67 21.33 47.62
CA LEU B 106 -11.89 20.06 46.96
C LEU B 106 -11.35 20.06 45.53
N SER B 107 -11.35 21.23 44.88
CA SER B 107 -10.84 21.40 43.52
C SER B 107 -11.45 20.39 42.55
N ALA B 108 -12.74 20.13 42.70
CA ALA B 108 -13.38 19.06 41.93
C ALA B 108 -13.32 19.34 40.42
N GLU B 109 -13.59 20.58 40.02
CA GLU B 109 -13.59 20.91 38.59
C GLU B 109 -12.17 20.87 38.02
N LEU B 110 -11.20 21.38 38.77
CA LEU B 110 -9.80 21.31 38.34
C LEU B 110 -9.34 19.88 38.16
N LYS B 111 -9.62 19.02 39.15
CA LYS B 111 -9.20 17.63 39.05
C LYS B 111 -9.84 16.92 37.88
N ARG B 112 -11.13 17.17 37.62
CA ARG B 112 -11.79 16.55 36.48
C ARG B 112 -11.19 17.04 35.17
N PHE B 113 -10.92 18.35 35.06
CA PHE B 113 -10.35 18.88 33.82
C PHE B 113 -8.96 18.29 33.57
N ARG B 114 -8.17 18.08 34.62
CA ARG B 114 -6.87 17.44 34.44
C ARG B 114 -7.03 16.00 33.96
N LYS B 115 -7.93 15.25 34.59
CA LYS B 115 -8.07 13.82 34.31
C LYS B 115 -8.73 13.57 32.96
N GLU B 116 -9.68 14.42 32.56
CA GLU B 116 -10.51 14.11 31.40
C GLU B 116 -10.22 15.00 30.19
N TYR B 117 -9.49 16.10 30.36
CA TYR B 117 -9.09 16.93 29.22
C TYR B 117 -7.58 16.98 29.08
N ILE B 118 -6.86 17.50 30.08
CA ILE B 118 -5.42 17.75 29.90
C ILE B 118 -4.67 16.44 29.68
N GLN B 119 -4.85 15.47 30.56
CA GLN B 119 -4.03 14.25 30.45
C GLN B 119 -4.32 13.47 29.16
N PRO B 120 -5.59 13.29 28.75
CA PRO B 120 -5.80 12.62 27.44
C PRO B 120 -5.26 13.40 26.25
N VAL B 121 -5.49 14.72 26.20
CA VAL B 121 -4.97 15.49 25.06
C VAL B 121 -3.45 15.44 25.04
N GLN B 122 -2.81 15.60 26.21
CA GLN B 122 -1.35 15.61 26.24
C GLN B 122 -0.79 14.25 25.84
N LEU B 123 -1.40 13.18 26.32
N LEU B 123 -1.39 13.17 26.33
CA LEU B 123 -0.92 11.84 25.95
CA LEU B 123 -0.94 11.84 25.95
C LEU B 123 -1.11 11.61 24.45
C LEU B 123 -1.11 11.61 24.45
N ARG B 124 -2.21 12.12 23.89
CA ARG B 124 -2.43 11.92 22.47
C ARG B 124 -1.51 12.79 21.61
N VAL B 125 -1.09 13.96 22.13
CA VAL B 125 -0.02 14.70 21.45
C VAL B 125 1.28 13.88 21.46
N LEU B 126 1.61 13.29 22.61
CA LEU B 126 2.81 12.47 22.67
C LEU B 126 2.71 11.27 21.74
N ASN B 127 1.50 10.71 21.57
CA ASN B 127 1.36 9.58 20.64
C ASN B 127 1.59 10.03 19.20
N VAL B 128 1.18 11.25 18.84
CA VAL B 128 1.52 11.78 17.52
C VAL B 128 3.03 11.88 17.37
N CYS B 129 3.71 12.44 18.39
CA CYS B 129 5.16 12.54 18.35
C CYS B 129 5.80 11.15 18.20
N ARG B 130 5.31 10.18 18.95
CA ARG B 130 5.87 8.84 18.92
C ARG B 130 5.71 8.20 17.55
N HIS B 131 4.50 8.30 16.98
CA HIS B 131 4.28 7.76 15.63
C HIS B 131 5.11 8.51 14.59
N TRP B 132 5.24 9.83 14.76
CA TRP B 132 6.02 10.64 13.82
C TRP B 132 7.46 10.16 13.77
N VAL B 133 8.06 9.97 14.95
CA VAL B 133 9.46 9.54 15.01
C VAL B 133 9.62 8.10 14.55
N GLU B 134 8.69 7.22 14.94
CA GLU B 134 8.88 5.80 14.63
C GLU B 134 8.62 5.47 13.18
N HIS B 135 7.63 6.11 12.55
CA HIS B 135 7.15 5.68 11.25
C HIS B 135 7.30 6.73 10.16
N HIS B 136 7.68 7.96 10.50
CA HIS B 136 7.84 9.02 9.51
C HIS B 136 9.11 9.80 9.81
N PHE B 137 10.18 9.09 10.18
CA PHE B 137 11.40 9.73 10.64
C PHE B 137 12.10 10.50 9.53
N TYR B 138 11.72 10.29 8.26
CA TYR B 138 12.39 11.01 7.18
C TYR B 138 12.28 12.53 7.32
N ASP B 139 11.19 13.04 7.93
CA ASP B 139 11.12 14.48 8.17
C ASP B 139 12.32 14.97 8.95
N PHE B 140 12.77 14.18 9.93
CA PHE B 140 13.88 14.56 10.79
C PHE B 140 15.23 14.25 10.14
N GLU B 141 15.31 13.21 9.29
CA GLU B 141 16.54 12.97 8.56
C GLU B 141 16.84 14.10 7.59
N ARG B 142 15.80 14.74 7.06
CA ARG B 142 15.96 15.76 6.04
C ARG B 142 16.02 17.17 6.62
N ASP B 143 15.73 17.33 7.91
CA ASP B 143 15.74 18.65 8.54
C ASP B 143 16.29 18.45 9.96
N ALA B 144 17.60 18.63 10.13
CA ALA B 144 18.22 18.41 11.43
C ALA B 144 17.69 19.37 12.49
N TYR B 145 17.31 20.59 12.09
CA TYR B 145 16.78 21.54 13.06
C TYR B 145 15.42 21.07 13.57
N LEU B 146 14.59 20.47 12.71
CA LEU B 146 13.33 19.91 13.17
C LEU B 146 13.58 18.87 14.26
N LEU B 147 14.60 18.03 14.07
CA LEU B 147 14.90 17.01 15.07
C LEU B 147 15.34 17.64 16.38
N GLN B 148 16.17 18.68 16.31
CA GLN B 148 16.57 19.38 17.54
C GLN B 148 15.35 19.90 18.28
N ARG B 149 14.39 20.49 17.57
CA ARG B 149 13.20 21.03 18.23
C ARG B 149 12.38 19.92 18.88
N MET B 150 12.24 18.78 18.20
CA MET B 150 11.50 17.67 18.79
C MET B 150 12.21 17.15 20.04
N GLU B 151 13.54 16.96 19.97
CA GLU B 151 14.29 16.50 21.14
C GLU B 151 14.12 17.47 22.31
N GLU B 152 14.15 18.78 22.03
CA GLU B 152 14.02 19.79 23.07
C GLU B 152 12.63 19.77 23.69
N PHE B 153 11.58 19.66 22.86
CA PHE B 153 10.22 19.61 23.37
C PHE B 153 10.03 18.40 24.28
N ILE B 154 10.35 17.20 23.79
CA ILE B 154 10.14 15.98 24.57
C ILE B 154 10.98 16.02 25.84
N GLY B 155 12.25 16.43 25.70
CA GLY B 155 13.14 16.42 26.83
C GLY B 155 12.83 17.44 27.91
N THR B 156 11.92 18.39 27.66
CA THR B 156 11.57 19.37 28.68
C THR B 156 10.12 19.26 29.15
N VAL B 157 9.41 18.18 28.82
CA VAL B 157 8.09 17.96 29.40
C VAL B 157 8.24 17.55 30.86
N ARG B 158 7.57 18.27 31.76
CA ARG B 158 7.67 18.04 33.20
C ARG B 158 6.43 17.32 33.72
N GLY B 159 6.51 16.88 34.97
CA GLY B 159 5.31 16.33 35.60
C GLY B 159 5.19 14.83 35.41
N LYS B 160 4.73 14.13 36.45
CA LYS B 160 4.90 12.69 36.51
C LYS B 160 3.90 11.93 35.67
N ALA B 161 2.75 12.53 35.30
CA ALA B 161 1.76 11.75 34.54
C ALA B 161 2.29 11.33 33.17
N MET B 162 3.12 12.17 32.55
CA MET B 162 3.66 11.88 31.22
C MET B 162 5.05 11.24 31.26
N LYS B 163 5.64 11.09 32.45
CA LYS B 163 7.08 10.81 32.56
C LYS B 163 7.49 9.52 31.85
N LYS B 164 6.72 8.44 32.00
CA LYS B 164 7.12 7.18 31.37
C LYS B 164 7.23 7.31 29.86
N TRP B 165 6.27 8.01 29.24
CA TRP B 165 6.29 8.12 27.79
C TRP B 165 7.31 9.14 27.30
N VAL B 166 7.56 10.20 28.07
CA VAL B 166 8.60 11.16 27.71
C VAL B 166 9.97 10.51 27.73
N GLU B 167 10.27 9.73 28.78
CA GLU B 167 11.56 9.08 28.84
C GLU B 167 11.69 8.04 27.74
N SER B 168 10.59 7.35 27.41
CA SER B 168 10.61 6.36 26.35
C SER B 168 10.85 7.02 24.99
N ILE B 169 10.12 8.10 24.70
CA ILE B 169 10.26 8.74 23.38
C ILE B 169 11.65 9.32 23.20
N THR B 170 12.25 9.85 24.28
CA THR B 170 13.63 10.31 24.20
C THR B 170 14.55 9.18 23.75
N LYS B 171 14.39 7.98 24.32
CA LYS B 171 15.24 6.85 23.93
C LYS B 171 14.96 6.41 22.50
N ILE B 172 13.69 6.40 22.09
CA ILE B 172 13.36 5.98 20.73
C ILE B 172 14.01 6.91 19.71
N ILE B 173 13.95 8.22 19.96
CA ILE B 173 14.61 9.17 19.06
C ILE B 173 16.10 8.87 18.96
N GLN B 174 16.76 8.65 20.09
CA GLN B 174 18.20 8.42 20.04
C GLN B 174 18.52 7.13 19.28
N ARG B 175 17.66 6.09 19.44
N ARG B 175 17.68 6.10 19.43
CA ARG B 175 17.84 4.86 18.69
CA ARG B 175 17.89 4.87 18.66
C ARG B 175 17.66 5.09 17.18
C ARG B 175 17.67 5.09 17.17
N LYS B 176 16.64 5.85 16.80
CA LYS B 176 16.38 6.10 15.39
C LYS B 176 17.52 6.87 14.73
N LYS B 177 18.25 7.67 15.51
CA LYS B 177 19.33 8.46 14.93
C LYS B 177 20.48 7.60 14.45
N ILE B 178 20.83 6.54 15.19
CA ILE B 178 21.97 5.70 14.82
C ILE B 178 21.54 4.43 14.10
N ALA B 179 20.26 4.29 13.76
CA ALA B 179 19.78 3.10 13.07
C ALA B 179 19.98 3.24 11.56
N ASN B 187 15.27 -9.36 12.15
CA ASN B 187 15.33 -10.63 12.84
C ASN B 187 13.95 -11.31 12.87
N ILE B 188 13.86 -12.50 12.27
CA ILE B 188 12.59 -13.13 11.90
C ILE B 188 12.55 -14.54 12.47
N THR B 189 11.37 -14.95 12.98
CA THR B 189 11.17 -16.30 13.49
C THR B 189 9.91 -16.91 12.85
N PHE B 190 9.96 -18.22 12.57
CA PHE B 190 8.94 -18.89 11.75
C PHE B 190 8.29 -20.09 12.42
N GLN B 191 7.11 -20.44 11.90
CA GLN B 191 6.38 -21.63 12.31
C GLN B 191 7.05 -22.93 11.86
N SER B 192 7.94 -22.88 10.86
CA SER B 192 8.56 -24.09 10.33
C SER B 192 9.90 -23.73 9.71
N SER B 193 10.62 -24.76 9.24
CA SER B 193 11.86 -24.57 8.50
C SER B 193 11.55 -24.33 7.03
N PRO B 194 12.35 -23.50 6.35
CA PRO B 194 12.17 -23.31 4.91
C PRO B 194 12.52 -24.58 4.15
N PRO B 195 11.93 -24.79 2.98
CA PRO B 195 12.23 -26.00 2.20
C PRO B 195 13.67 -26.00 1.71
N THR B 196 14.13 -27.19 1.35
CA THR B 196 15.49 -27.35 0.86
C THR B 196 15.65 -26.67 -0.50
N VAL B 197 16.79 -25.99 -0.70
CA VAL B 197 17.09 -25.37 -1.99
C VAL B 197 17.24 -26.45 -3.05
N GLU B 198 16.65 -26.23 -4.23
CA GLU B 198 16.64 -27.22 -5.31
C GLU B 198 17.65 -26.87 -6.39
N TRP B 199 18.33 -27.89 -6.91
CA TRP B 199 19.34 -27.73 -7.96
C TRP B 199 19.03 -28.63 -9.14
N HIS B 200 19.45 -28.19 -10.34
CA HIS B 200 19.17 -28.89 -11.59
C HIS B 200 20.52 -29.14 -12.27
N ILE B 201 20.76 -28.58 -13.46
CA ILE B 201 22.03 -28.82 -14.17
C ILE B 201 23.16 -28.04 -13.50
N SER B 202 22.95 -26.75 -13.25
CA SER B 202 23.94 -25.97 -12.52
C SER B 202 24.02 -26.46 -11.07
N ARG B 203 25.25 -26.68 -10.59
CA ARG B 203 25.43 -27.16 -9.24
C ARG B 203 25.89 -26.02 -8.32
N PRO B 204 25.77 -26.18 -6.99
CA PRO B 204 26.14 -25.09 -6.08
C PRO B 204 27.56 -24.60 -6.32
N GLY B 205 27.71 -23.27 -6.35
CA GLY B 205 29.01 -22.66 -6.55
C GLY B 205 29.45 -22.49 -7.99
N HIS B 206 28.69 -23.02 -8.97
CA HIS B 206 29.11 -22.96 -10.37
C HIS B 206 28.33 -21.87 -11.12
N ILE B 207 28.55 -20.64 -10.65
CA ILE B 207 27.74 -19.50 -11.09
C ILE B 207 27.91 -19.22 -12.57
N GLU B 208 29.05 -19.63 -13.15
CA GLU B 208 29.30 -19.39 -14.56
C GLU B 208 28.35 -20.16 -15.48
N THR B 209 27.74 -21.24 -14.99
CA THR B 209 26.78 -22.01 -15.78
C THR B 209 25.33 -21.60 -15.56
N PHE B 210 25.05 -20.72 -14.59
CA PHE B 210 23.68 -20.33 -14.28
C PHE B 210 22.99 -19.72 -15.51
N ASP B 211 21.77 -20.16 -15.77
CA ASP B 211 20.99 -19.65 -16.90
C ASP B 211 19.55 -20.12 -16.71
N LEU B 212 18.68 -19.67 -17.61
CA LEU B 212 17.26 -19.97 -17.48
C LEU B 212 16.98 -21.46 -17.41
N LEU B 213 17.65 -22.26 -18.26
CA LEU B 213 17.34 -23.69 -18.33
C LEU B 213 18.22 -24.54 -17.43
N THR B 214 19.30 -24.01 -16.87
CA THR B 214 20.23 -24.79 -16.05
C THR B 214 19.97 -24.66 -14.55
N LEU B 215 19.44 -23.53 -14.09
CA LEU B 215 18.93 -23.47 -12.72
C LEU B 215 17.61 -24.23 -12.63
N HIS B 216 17.27 -24.68 -11.42
CA HIS B 216 16.00 -25.36 -11.22
C HIS B 216 14.86 -24.35 -11.31
N PRO B 217 13.81 -24.63 -12.11
CA PRO B 217 12.72 -23.64 -12.21
C PRO B 217 12.05 -23.34 -10.87
N ILE B 218 11.97 -24.29 -9.95
CA ILE B 218 11.43 -24.00 -8.62
C ILE B 218 12.28 -22.95 -7.94
N GLU B 219 13.60 -23.11 -8.02
CA GLU B 219 14.50 -22.24 -7.29
C GLU B 219 14.63 -20.88 -7.97
N ILE B 220 14.52 -20.82 -9.30
CA ILE B 220 14.40 -19.52 -9.96
C ILE B 220 13.22 -18.74 -9.39
N ALA B 221 12.06 -19.38 -9.30
CA ALA B 221 10.87 -18.69 -8.81
C ALA B 221 11.02 -18.30 -7.33
N ARG B 222 11.62 -19.18 -6.52
CA ARG B 222 11.81 -18.84 -5.11
C ARG B 222 12.76 -17.66 -4.93
N GLN B 223 13.90 -17.68 -5.61
CA GLN B 223 14.89 -16.63 -5.40
C GLN B 223 14.40 -15.30 -5.99
N LEU B 224 13.70 -15.34 -7.12
CA LEU B 224 13.10 -14.11 -7.63
C LEU B 224 12.01 -13.60 -6.69
N THR B 225 11.28 -14.50 -6.04
CA THR B 225 10.24 -14.06 -5.10
C THR B 225 10.84 -13.40 -3.87
N LEU B 226 11.94 -13.95 -3.32
CA LEU B 226 12.63 -13.29 -2.22
C LEU B 226 13.12 -11.90 -2.63
N LEU B 227 13.72 -11.81 -3.82
CA LEU B 227 14.23 -10.52 -4.32
C LEU B 227 13.09 -9.52 -4.49
N GLU B 228 12.00 -9.96 -5.13
CA GLU B 228 10.88 -9.07 -5.42
C GLU B 228 10.10 -8.71 -4.17
N SER B 229 10.01 -9.63 -3.21
CA SER B 229 9.42 -9.31 -1.91
C SER B 229 10.24 -8.26 -1.18
N ASP B 230 11.57 -8.41 -1.14
CA ASP B 230 12.42 -7.40 -0.50
C ASP B 230 12.26 -6.03 -1.16
N LEU B 231 12.19 -6.00 -2.50
CA LEU B 231 12.00 -4.73 -3.20
C LEU B 231 10.64 -4.11 -2.87
N TYR B 232 9.59 -4.94 -2.81
CA TYR B 232 8.25 -4.45 -2.47
C TYR B 232 8.23 -3.89 -1.05
N ARG B 233 8.86 -4.59 -0.11
CA ARG B 233 8.81 -4.21 1.29
C ARG B 233 9.60 -2.95 1.58
N ALA B 234 10.52 -2.56 0.69
CA ALA B 234 11.37 -1.40 0.95
C ALA B 234 10.72 -0.08 0.57
N VAL B 235 9.58 -0.07 -0.12
CA VAL B 235 8.98 1.18 -0.60
C VAL B 235 8.23 1.86 0.54
N GLN B 236 8.59 3.09 0.85
CA GLN B 236 7.95 3.85 1.93
C GLN B 236 6.90 4.81 1.37
N PRO B 237 5.92 5.20 2.18
CA PRO B 237 4.91 6.15 1.68
C PRO B 237 5.48 7.47 1.21
N SER B 238 6.62 7.90 1.77
CA SER B 238 7.28 9.12 1.33
C SER B 238 7.60 9.11 -0.15
N GLU B 239 7.73 7.93 -0.76
N GLU B 239 7.74 7.93 -0.76
CA GLU B 239 8.01 7.83 -2.18
CA GLU B 239 8.02 7.84 -2.19
C GLU B 239 6.77 7.93 -3.05
C GLU B 239 6.77 7.93 -3.04
N LEU B 240 5.59 7.99 -2.42
CA LEU B 240 4.31 7.90 -3.11
C LEU B 240 3.45 9.15 -2.95
N VAL B 241 3.34 9.69 -1.74
CA VAL B 241 2.46 10.83 -1.54
C VAL B 241 2.95 12.03 -2.36
N GLY B 242 2.00 12.81 -2.87
CA GLY B 242 2.36 13.90 -3.76
C GLY B 242 2.73 13.48 -5.16
N SER B 243 2.53 12.21 -5.50
CA SER B 243 2.83 11.66 -6.84
C SER B 243 4.30 11.89 -7.23
N VAL B 244 5.19 11.86 -6.25
CA VAL B 244 6.55 12.32 -6.48
C VAL B 244 7.34 11.38 -7.41
N TRP B 245 6.90 10.14 -7.59
CA TRP B 245 7.62 9.23 -8.48
C TRP B 245 7.39 9.56 -9.95
N THR B 246 6.48 10.49 -10.26
CA THR B 246 6.22 10.91 -11.63
C THR B 246 6.87 12.26 -11.96
N LYS B 247 7.44 12.94 -10.96
CA LYS B 247 7.90 14.32 -11.11
C LYS B 247 9.40 14.37 -11.43
N GLU B 248 9.91 15.59 -11.66
CA GLU B 248 11.27 15.75 -12.15
C GLU B 248 12.31 15.21 -11.18
N ASP B 249 12.05 15.26 -9.88
CA ASP B 249 12.99 14.76 -8.87
C ASP B 249 12.71 13.31 -8.46
N LYS B 250 12.06 12.53 -9.32
CA LYS B 250 11.67 11.17 -8.93
C LYS B 250 12.85 10.31 -8.49
N GLU B 251 14.05 10.50 -9.06
CA GLU B 251 15.17 9.65 -8.65
C GLU B 251 15.60 9.95 -7.22
N ILE B 252 15.38 11.19 -6.77
CA ILE B 252 15.71 11.60 -5.40
C ILE B 252 14.64 11.12 -4.43
N ASN B 253 13.38 11.29 -4.81
CA ASN B 253 12.30 11.10 -3.86
C ASN B 253 11.73 9.68 -3.85
N SER B 254 11.92 8.90 -4.92
CA SER B 254 11.30 7.57 -5.01
C SER B 254 12.29 6.48 -5.42
N PRO B 255 13.49 6.43 -4.81
CA PRO B 255 14.51 5.49 -5.31
C PRO B 255 14.17 4.02 -5.09
N ASN B 256 13.54 3.66 -3.98
CA ASN B 256 13.21 2.25 -3.79
C ASN B 256 12.09 1.81 -4.72
N LEU B 257 11.09 2.67 -4.94
CA LEU B 257 10.04 2.32 -5.89
C LEU B 257 10.64 2.13 -7.29
N LEU B 258 11.50 3.05 -7.72
CA LEU B 258 12.07 2.94 -9.07
C LEU B 258 12.96 1.70 -9.19
N LYS B 259 13.72 1.37 -8.14
N LYS B 259 13.73 1.37 -8.15
CA LYS B 259 14.52 0.14 -8.18
CA LYS B 259 14.53 0.14 -8.19
C LYS B 259 13.63 -1.08 -8.34
C LYS B 259 13.62 -1.08 -8.35
N MET B 260 12.48 -1.08 -7.66
CA MET B 260 11.55 -2.21 -7.77
C MET B 260 11.00 -2.32 -9.18
N ILE B 261 10.57 -1.20 -9.77
CA ILE B 261 10.01 -1.23 -11.13
C ILE B 261 11.07 -1.64 -12.14
N ARG B 262 12.30 -1.13 -11.98
CA ARG B 262 13.33 -1.45 -12.95
C ARG B 262 13.73 -2.92 -12.90
N HIS B 263 13.68 -3.53 -11.71
CA HIS B 263 13.87 -4.98 -11.65
C HIS B 263 12.80 -5.72 -12.45
N THR B 264 11.53 -5.36 -12.23
CA THR B 264 10.42 -5.98 -12.96
C THR B 264 10.61 -5.84 -14.47
N THR B 265 10.99 -4.63 -14.91
CA THR B 265 11.19 -4.42 -16.35
C THR B 265 12.33 -5.27 -16.87
N ASN B 266 13.44 -5.30 -16.13
CA ASN B 266 14.59 -6.09 -16.57
C ASN B 266 14.25 -7.58 -16.68
N LEU B 267 13.51 -8.12 -15.71
CA LEU B 267 13.18 -9.54 -15.79
C LEU B 267 12.27 -9.82 -16.97
N THR B 268 11.29 -8.96 -17.21
CA THR B 268 10.42 -9.14 -18.38
C THR B 268 11.23 -9.15 -19.66
N LEU B 269 12.15 -8.18 -19.81
CA LEU B 269 12.98 -8.13 -21.01
C LEU B 269 13.93 -9.33 -21.09
N TRP B 270 14.43 -9.83 -19.96
CA TRP B 270 15.26 -11.04 -19.99
C TRP B 270 14.48 -12.24 -20.50
N PHE B 271 13.23 -12.39 -20.05
CA PHE B 271 12.39 -13.47 -20.55
C PHE B 271 12.21 -13.36 -22.06
N GLU B 272 11.90 -12.15 -22.55
CA GLU B 272 11.75 -11.95 -23.99
C GLU B 272 13.05 -12.29 -24.72
N LYS B 273 14.18 -11.84 -24.20
CA LYS B 273 15.47 -12.09 -24.85
C LYS B 273 15.79 -13.59 -24.88
N CYS B 274 15.54 -14.30 -23.78
CA CYS B 274 15.78 -15.75 -23.78
C CYS B 274 14.97 -16.44 -24.87
N ILE B 275 13.74 -15.97 -25.08
CA ILE B 275 12.86 -16.60 -26.05
C ILE B 275 13.34 -16.34 -27.48
N VAL B 276 13.48 -15.06 -27.86
CA VAL B 276 13.73 -14.75 -29.27
C VAL B 276 15.18 -15.03 -29.69
N GLU B 277 16.13 -15.07 -28.75
CA GLU B 277 17.49 -15.47 -29.12
C GLU B 277 17.66 -16.97 -29.21
N THR B 278 16.63 -17.75 -28.91
CA THR B 278 16.65 -19.20 -29.11
C THR B 278 16.03 -19.44 -30.48
N GLU B 279 16.88 -19.54 -31.51
CA GLU B 279 16.37 -19.59 -32.88
C GLU B 279 15.80 -20.96 -33.27
N ASN B 280 16.35 -22.04 -32.74
CA ASN B 280 15.81 -23.36 -33.03
C ASN B 280 14.41 -23.51 -32.42
N LEU B 281 13.44 -23.95 -33.23
CA LEU B 281 12.04 -24.01 -32.78
C LEU B 281 11.87 -24.92 -31.58
N GLU B 282 12.39 -26.16 -31.66
CA GLU B 282 12.26 -27.11 -30.56
C GLU B 282 12.85 -26.54 -29.27
N GLU B 283 14.04 -25.94 -29.36
CA GLU B 283 14.63 -25.35 -28.16
C GLU B 283 13.80 -24.18 -27.65
N ARG B 284 13.22 -23.40 -28.56
CA ARG B 284 12.46 -22.23 -28.11
C ARG B 284 11.17 -22.64 -27.42
N VAL B 285 10.56 -23.74 -27.87
CA VAL B 285 9.42 -24.31 -27.15
C VAL B 285 9.80 -24.69 -25.73
N ALA B 286 10.99 -25.28 -25.57
CA ALA B 286 11.45 -25.65 -24.22
C ALA B 286 11.65 -24.42 -23.36
N VAL B 287 12.18 -23.33 -23.95
CA VAL B 287 12.37 -22.09 -23.19
C VAL B 287 11.02 -21.52 -22.75
N VAL B 288 10.06 -21.42 -23.66
CA VAL B 288 8.76 -20.87 -23.30
C VAL B 288 8.07 -21.73 -22.26
N SER B 289 8.13 -23.07 -22.45
N SER B 289 8.12 -23.06 -22.45
CA SER B 289 7.55 -23.98 -21.47
CA SER B 289 7.55 -23.98 -21.46
C SER B 289 8.17 -23.81 -20.09
C SER B 289 8.17 -23.79 -20.09
N ARG B 290 9.50 -23.60 -20.04
CA ARG B 290 10.15 -23.40 -18.74
C ARG B 290 9.69 -22.11 -18.07
N ILE B 291 9.49 -21.05 -18.86
CA ILE B 291 9.04 -19.79 -18.27
C ILE B 291 7.62 -19.94 -17.72
N ILE B 292 6.76 -20.71 -18.40
CA ILE B 292 5.42 -20.94 -17.88
C ILE B 292 5.47 -21.77 -16.60
N GLU B 293 6.45 -22.68 -16.49
CA GLU B 293 6.61 -23.40 -15.22
C GLU B 293 7.02 -22.45 -14.11
N ILE B 294 7.91 -21.50 -14.40
CA ILE B 294 8.28 -20.50 -13.39
C ILE B 294 7.04 -19.70 -12.99
N LEU B 295 6.21 -19.36 -13.96
CA LEU B 295 4.95 -18.65 -13.65
C LEU B 295 4.06 -19.48 -12.72
N GLN B 296 4.00 -20.80 -12.94
CA GLN B 296 3.20 -21.65 -12.05
C GLN B 296 3.68 -21.58 -10.60
N VAL B 297 5.00 -21.55 -10.39
CA VAL B 297 5.51 -21.48 -9.03
C VAL B 297 5.28 -20.08 -8.46
N PHE B 298 5.45 -19.03 -9.27
CA PHE B 298 5.07 -17.68 -8.83
C PHE B 298 3.62 -17.67 -8.31
N GLN B 299 2.69 -18.28 -9.06
CA GLN B 299 1.31 -18.35 -8.61
C GLN B 299 1.19 -19.06 -7.28
N GLU B 300 1.90 -20.18 -7.12
CA GLU B 300 1.84 -20.94 -5.87
C GLU B 300 2.35 -20.11 -4.69
N LEU B 301 3.34 -19.25 -4.94
CA LEU B 301 3.94 -18.39 -3.92
C LEU B 301 3.20 -17.08 -3.71
N ASN B 302 2.10 -16.84 -4.41
CA ASN B 302 1.40 -15.54 -4.39
C ASN B 302 2.31 -14.39 -4.79
N ASN B 303 3.28 -14.63 -5.68
CA ASN B 303 4.11 -13.54 -6.19
C ASN B 303 3.44 -13.00 -7.45
N PHE B 304 2.52 -12.05 -7.26
CA PHE B 304 1.77 -11.52 -8.39
C PHE B 304 2.63 -10.61 -9.26
N ASN B 305 3.60 -9.93 -8.67
CA ASN B 305 4.56 -9.19 -9.50
C ASN B 305 5.24 -10.13 -10.48
N GLY B 306 5.68 -11.29 -9.99
CA GLY B 306 6.32 -12.28 -10.86
C GLY B 306 5.39 -12.84 -11.91
N VAL B 307 4.14 -13.14 -11.52
CA VAL B 307 3.15 -13.59 -12.49
C VAL B 307 3.04 -12.57 -13.63
N LEU B 308 2.91 -11.29 -13.30
CA LEU B 308 2.69 -10.32 -14.37
C LEU B 308 3.97 -10.03 -15.15
N GLU B 309 5.15 -10.20 -14.54
CA GLU B 309 6.41 -10.13 -15.28
C GLU B 309 6.39 -11.12 -16.45
N VAL B 310 5.90 -12.33 -16.18
CA VAL B 310 5.86 -13.36 -17.21
C VAL B 310 4.78 -13.05 -18.24
N VAL B 311 3.59 -12.71 -17.75
CA VAL B 311 2.49 -12.39 -18.67
C VAL B 311 2.86 -11.23 -19.59
N SER B 312 3.50 -10.18 -19.03
CA SER B 312 3.94 -9.05 -19.86
C SER B 312 4.90 -9.50 -20.95
N ALA B 313 5.81 -10.42 -20.62
CA ALA B 313 6.75 -10.92 -21.64
C ALA B 313 6.00 -11.70 -22.72
N MET B 314 5.03 -12.52 -22.32
CA MET B 314 4.31 -13.33 -23.29
C MET B 314 3.42 -12.49 -24.19
N ASN B 315 2.98 -11.33 -23.71
N ASN B 315 2.99 -11.32 -23.73
CA ASN B 315 2.15 -10.41 -24.50
CA ASN B 315 2.16 -10.44 -24.54
C ASN B 315 2.96 -9.37 -25.26
C ASN B 315 2.95 -9.32 -25.20
N SER B 316 4.28 -9.36 -25.12
CA SER B 316 5.09 -8.36 -25.81
C SER B 316 5.03 -8.59 -27.31
N SER B 317 5.23 -7.52 -28.08
CA SER B 317 5.21 -7.67 -29.53
C SER B 317 6.15 -8.76 -30.06
N PRO B 318 7.39 -8.90 -29.60
CA PRO B 318 8.25 -9.97 -30.17
C PRO B 318 7.76 -11.38 -29.86
N VAL B 319 7.15 -11.61 -28.71
CA VAL B 319 6.81 -12.98 -28.31
C VAL B 319 5.39 -13.36 -28.72
N TYR B 320 4.46 -12.41 -28.60
CA TYR B 320 3.05 -12.71 -28.85
C TYR B 320 2.83 -13.29 -30.25
N ARG B 321 3.64 -12.88 -31.22
CA ARG B 321 3.44 -13.28 -32.62
C ARG B 321 4.05 -14.64 -32.97
N LEU B 322 4.66 -15.35 -32.01
CA LEU B 322 5.37 -16.60 -32.32
C LEU B 322 4.42 -17.81 -32.33
N ASP B 323 3.50 -17.80 -33.31
CA ASP B 323 2.45 -18.82 -33.37
C ASP B 323 3.01 -20.24 -33.48
N HIS B 324 4.12 -20.44 -34.21
CA HIS B 324 4.68 -21.78 -34.33
C HIS B 324 5.18 -22.31 -33.00
N THR B 325 5.66 -21.41 -32.14
CA THR B 325 6.14 -21.80 -30.81
C THR B 325 4.98 -22.14 -29.90
N PHE B 326 3.98 -21.26 -29.83
CA PHE B 326 2.89 -21.50 -28.89
C PHE B 326 1.98 -22.64 -29.34
N GLU B 327 2.03 -22.98 -30.63
CA GLU B 327 1.27 -24.14 -31.09
C GLU B 327 1.75 -25.44 -30.44
N GLN B 328 3.02 -25.52 -30.06
CA GLN B 328 3.57 -26.76 -29.53
C GLN B 328 3.58 -26.81 -28.01
N ILE B 329 3.14 -25.76 -27.33
CA ILE B 329 3.09 -25.75 -25.86
C ILE B 329 2.00 -26.71 -25.39
N PRO B 330 2.26 -27.55 -24.38
CA PRO B 330 1.22 -28.48 -23.90
C PRO B 330 -0.05 -27.76 -23.48
N SER B 331 -1.18 -28.47 -23.60
N SER B 331 -1.18 -28.47 -23.62
N SER B 331 -1.17 -28.47 -23.59
CA SER B 331 -2.47 -27.86 -23.29
CA SER B 331 -2.47 -27.89 -23.29
CA SER B 331 -2.47 -27.88 -23.30
C SER B 331 -2.53 -27.37 -21.85
C SER B 331 -2.54 -27.39 -21.85
C SER B 331 -2.54 -27.39 -21.85
N ARG B 332 -1.97 -28.15 -20.92
CA ARG B 332 -2.03 -27.75 -19.51
C ARG B 332 -1.29 -26.44 -19.27
N GLN B 333 -0.23 -26.19 -20.04
CA GLN B 333 0.50 -24.93 -19.90
C GLN B 333 -0.21 -23.78 -20.60
N LYS B 334 -0.87 -24.04 -21.72
CA LYS B 334 -1.74 -23.03 -22.31
C LYS B 334 -2.76 -22.56 -21.30
N LYS B 335 -3.29 -23.49 -20.51
CA LYS B 335 -4.32 -23.13 -19.54
C LYS B 335 -3.74 -22.29 -18.40
N ILE B 336 -2.54 -22.63 -17.95
CA ILE B 336 -1.88 -21.84 -16.91
C ILE B 336 -1.66 -20.41 -17.38
N LEU B 337 -1.18 -20.25 -18.62
CA LEU B 337 -0.89 -18.91 -19.12
C LEU B 337 -2.18 -18.12 -19.33
N GLU B 338 -3.22 -18.79 -19.84
CA GLU B 338 -4.51 -18.13 -20.05
C GLU B 338 -5.11 -17.62 -18.73
N GLU B 339 -5.06 -18.44 -17.68
N GLU B 339 -5.12 -18.49 -17.71
CA GLU B 339 -5.66 -17.99 -16.43
CA GLU B 339 -5.60 -18.07 -16.39
C GLU B 339 -4.82 -16.90 -15.76
C GLU B 339 -4.83 -16.84 -15.91
N ALA B 340 -3.50 -16.88 -16.01
CA ALA B 340 -2.70 -15.75 -15.55
C ALA B 340 -3.02 -14.49 -16.34
N HIS B 341 -3.17 -14.60 -17.65
CA HIS B 341 -3.55 -13.44 -18.46
C HIS B 341 -4.91 -12.89 -18.02
N GLU B 342 -5.84 -13.77 -17.66
CA GLU B 342 -7.18 -13.32 -17.28
C GLU B 342 -7.18 -12.49 -16.00
N LEU B 343 -6.13 -12.59 -15.17
CA LEU B 343 -6.05 -11.75 -13.97
C LEU B 343 -6.08 -10.26 -14.31
N SER B 344 -5.52 -9.88 -15.45
CA SER B 344 -5.41 -8.47 -15.80
C SER B 344 -6.59 -7.94 -16.58
N GLU B 345 -7.44 -8.82 -17.12
CA GLU B 345 -8.58 -8.39 -17.92
C GLU B 345 -9.58 -7.57 -17.10
N ASP B 346 -10.40 -6.80 -17.81
CA ASP B 346 -11.42 -5.96 -17.18
C ASP B 346 -10.84 -5.13 -16.04
N HIS B 347 -9.72 -4.46 -16.33
CA HIS B 347 -9.08 -3.56 -15.38
C HIS B 347 -8.69 -4.29 -14.09
N TYR B 348 -8.07 -5.46 -14.26
CA TYR B 348 -7.51 -6.26 -13.16
C TYR B 348 -8.58 -6.79 -12.20
N LYS B 349 -9.80 -7.00 -12.71
CA LYS B 349 -10.88 -7.44 -11.83
C LYS B 349 -10.53 -8.72 -11.07
N LYS B 350 -10.05 -9.74 -11.79
CA LYS B 350 -9.75 -11.01 -11.12
C LYS B 350 -8.49 -10.93 -10.26
N TYR B 351 -7.50 -10.15 -10.69
CA TYR B 351 -6.33 -9.93 -9.84
C TYR B 351 -6.74 -9.32 -8.50
N LEU B 352 -7.56 -8.28 -8.53
CA LEU B 352 -7.91 -7.60 -7.28
C LEU B 352 -8.66 -8.54 -6.34
N ALA B 353 -9.56 -9.35 -6.89
CA ALA B 353 -10.28 -10.32 -6.08
C ALA B 353 -9.34 -11.40 -5.55
N LYS B 354 -8.36 -11.83 -6.35
CA LYS B 354 -7.45 -12.88 -5.88
C LYS B 354 -6.54 -12.35 -4.78
N LEU B 355 -6.00 -11.14 -4.96
CA LEU B 355 -5.14 -10.55 -3.92
C LEU B 355 -5.83 -10.50 -2.57
N ARG B 356 -7.12 -10.14 -2.57
CA ARG B 356 -7.90 -9.98 -1.35
C ARG B 356 -8.37 -11.30 -0.78
N SER B 357 -8.13 -12.41 -1.47
CA SER B 357 -8.55 -13.71 -0.99
C SER B 357 -7.41 -14.59 -0.48
N ILE B 358 -6.17 -14.37 -0.91
CA ILE B 358 -5.11 -15.31 -0.58
C ILE B 358 -4.63 -15.15 0.86
N ASN B 359 -3.82 -16.12 1.30
CA ASN B 359 -3.17 -16.06 2.61
C ASN B 359 -1.75 -15.56 2.40
N PRO B 360 -1.40 -14.37 2.89
CA PRO B 360 -0.02 -13.88 2.72
C PRO B 360 0.97 -14.81 3.39
N PRO B 361 2.26 -14.70 3.05
CA PRO B 361 2.92 -13.63 2.28
C PRO B 361 2.58 -13.63 0.80
N CYS B 362 2.64 -12.43 0.21
CA CYS B 362 2.46 -12.26 -1.23
C CYS B 362 3.33 -11.10 -1.68
N VAL B 363 3.46 -10.95 -2.99
CA VAL B 363 4.08 -9.77 -3.59
C VAL B 363 3.06 -9.15 -4.53
N PRO B 364 2.39 -8.08 -4.12
CA PRO B 364 1.44 -7.40 -5.01
C PRO B 364 2.12 -6.80 -6.23
N PHE B 365 1.31 -6.61 -7.27
CA PHE B 365 1.72 -5.75 -8.39
C PHE B 365 1.54 -4.28 -7.99
N PHE B 366 2.62 -3.49 -8.05
CA PHE B 366 2.53 -2.12 -7.52
C PHE B 366 1.81 -1.16 -8.47
N GLY B 367 1.75 -1.46 -9.76
CA GLY B 367 1.32 -0.46 -10.74
C GLY B 367 -0.10 0.05 -10.48
N ILE B 368 -1.00 -0.84 -10.04
CA ILE B 368 -2.37 -0.42 -9.78
C ILE B 368 -2.41 0.61 -8.67
N TYR B 369 -1.61 0.39 -7.62
CA TYR B 369 -1.56 1.36 -6.53
C TYR B 369 -1.09 2.72 -7.03
N LEU B 370 -0.07 2.73 -7.89
CA LEU B 370 0.46 3.99 -8.41
C LEU B 370 -0.60 4.75 -9.19
N THR B 371 -1.32 4.06 -10.07
CA THR B 371 -2.38 4.73 -10.84
C THR B 371 -3.48 5.27 -9.92
N ASN B 372 -3.86 4.49 -8.90
CA ASN B 372 -4.94 4.96 -8.01
C ASN B 372 -4.50 6.13 -7.14
N ILE B 373 -3.25 6.13 -6.65
CA ILE B 373 -2.78 7.30 -5.90
C ILE B 373 -2.73 8.53 -6.79
N LEU B 374 -2.16 8.38 -7.99
CA LEU B 374 -2.03 9.53 -8.89
C LEU B 374 -3.39 10.12 -9.26
N LYS B 375 -4.37 9.27 -9.58
CA LYS B 375 -5.67 9.77 -10.00
C LYS B 375 -6.44 10.35 -8.83
N THR B 376 -6.26 9.79 -7.63
CA THR B 376 -6.88 10.40 -6.45
C THR B 376 -6.31 11.79 -6.20
N GLU B 377 -4.99 11.95 -6.35
N GLU B 377 -5.01 11.97 -6.39
CA GLU B 377 -4.38 13.26 -6.17
CA GLU B 377 -4.42 13.28 -6.13
C GLU B 377 -4.87 14.24 -7.24
C GLU B 377 -4.74 14.27 -7.25
N GLU B 378 -4.87 13.81 -8.49
CA GLU B 378 -5.17 14.71 -9.59
C GLU B 378 -6.65 15.03 -9.70
N GLY B 379 -7.52 14.13 -9.25
CA GLY B 379 -8.95 14.25 -9.45
C GLY B 379 -9.75 14.87 -8.33
N ASN B 380 -9.08 15.33 -7.26
CA ASN B 380 -9.76 15.93 -6.12
C ASN B 380 -9.07 17.22 -5.73
N PRO B 381 -9.82 18.24 -5.30
CA PRO B 381 -9.20 19.52 -4.98
C PRO B 381 -8.51 19.52 -3.61
N GLU B 382 -7.47 20.33 -3.50
CA GLU B 382 -6.76 20.47 -2.23
C GLU B 382 -7.63 21.10 -1.16
N VAL B 383 -8.50 22.03 -1.53
CA VAL B 383 -9.31 22.74 -0.54
C VAL B 383 -10.76 22.70 -0.96
N LEU B 384 -11.64 22.84 0.02
CA LEU B 384 -13.06 23.07 -0.21
C LEU B 384 -13.41 24.48 0.27
N LYS B 385 -14.16 25.22 -0.53
CA LYS B 385 -14.54 26.58 -0.18
C LYS B 385 -15.93 26.56 0.43
N ARG B 386 -16.05 27.03 1.67
CA ARG B 386 -17.31 27.01 2.40
C ARG B 386 -17.42 28.29 3.22
N HIS B 387 -18.52 29.03 3.02
CA HIS B 387 -18.82 30.21 3.83
C HIS B 387 -17.68 31.24 3.77
N GLY B 388 -17.06 31.36 2.60
CA GLY B 388 -15.95 32.26 2.41
C GLY B 388 -14.60 31.77 2.92
N LYS B 389 -14.55 30.59 3.55
CA LYS B 389 -13.31 30.05 4.09
C LYS B 389 -12.80 28.93 3.20
N GLU B 390 -11.48 28.75 3.21
CA GLU B 390 -10.87 27.62 2.53
C GLU B 390 -10.54 26.57 3.59
N LEU B 391 -11.16 25.40 3.45
CA LEU B 391 -10.92 24.27 4.34
C LEU B 391 -10.07 23.22 3.64
N ILE B 392 -9.14 22.61 4.38
CA ILE B 392 -8.36 21.50 3.83
C ILE B 392 -9.30 20.35 3.50
N ASN B 393 -9.22 19.86 2.25
CA ASN B 393 -10.03 18.70 1.84
C ASN B 393 -9.36 17.45 2.40
N PHE B 394 -9.80 17.02 3.59
CA PHE B 394 -9.14 15.88 4.21
C PHE B 394 -9.60 14.54 3.63
N SER B 395 -10.79 14.49 3.10
N SER B 395 -10.81 14.47 3.11
CA SER B 395 -11.28 13.28 2.50
CA SER B 395 -11.22 13.21 2.54
C SER B 395 -10.34 12.79 1.37
C SER B 395 -10.31 12.77 1.37
N LYS B 396 -9.76 13.71 0.63
CA LYS B 396 -8.81 13.35 -0.41
C LYS B 396 -7.58 12.67 0.19
N ARG B 397 -7.09 13.20 1.32
CA ARG B 397 -5.93 12.63 1.97
C ARG B 397 -6.25 11.28 2.59
N ARG B 398 -7.45 11.12 3.13
CA ARG B 398 -7.86 9.81 3.64
C ARG B 398 -7.85 8.75 2.53
N LYS B 399 -8.32 9.11 1.33
CA LYS B 399 -8.31 8.15 0.22
C LYS B 399 -6.89 7.73 -0.16
N VAL B 400 -5.96 8.68 -0.22
CA VAL B 400 -4.57 8.33 -0.48
C VAL B 400 -4.02 7.41 0.60
N ALA B 401 -4.30 7.72 1.86
CA ALA B 401 -3.77 6.90 2.95
C ALA B 401 -4.44 5.53 3.04
N GLU B 402 -5.65 5.39 2.50
CA GLU B 402 -6.22 4.04 2.43
C GLU B 402 -5.37 3.17 1.49
N ILE B 403 -4.88 3.76 0.41
CA ILE B 403 -4.03 3.01 -0.52
C ILE B 403 -2.67 2.72 0.11
N THR B 404 -2.02 3.73 0.71
CA THR B 404 -0.72 3.45 1.33
C THR B 404 -0.87 2.46 2.48
N GLY B 405 -2.01 2.47 3.18
CA GLY B 405 -2.24 1.50 4.23
C GLY B 405 -2.37 0.08 3.70
N GLU B 406 -3.03 -0.08 2.55
N GLU B 406 -3.05 -0.09 2.57
CA GLU B 406 -3.13 -1.40 1.92
CA GLU B 406 -3.11 -1.41 1.95
C GLU B 406 -1.77 -1.90 1.47
C GLU B 406 -1.72 -1.88 1.57
N ILE B 407 -0.94 -1.01 0.93
CA ILE B 407 0.44 -1.38 0.57
C ILE B 407 1.19 -1.88 1.79
N GLN B 408 1.14 -1.11 2.89
CA GLN B 408 1.89 -1.47 4.10
C GLN B 408 1.41 -2.78 4.69
N GLN B 409 0.11 -3.07 4.60
CA GLN B 409 -0.40 -4.31 5.18
C GLN B 409 0.26 -5.53 4.54
N TYR B 410 0.50 -5.51 3.22
CA TYR B 410 1.18 -6.63 2.56
C TYR B 410 2.70 -6.60 2.71
N GLN B 411 3.26 -5.53 3.28
CA GLN B 411 4.71 -5.46 3.52
C GLN B 411 5.12 -6.16 4.81
N ASN B 412 4.17 -6.62 5.62
CA ASN B 412 4.52 -7.11 6.96
C ASN B 412 5.01 -8.55 6.94
N GLN B 413 4.42 -9.40 6.10
CA GLN B 413 4.61 -10.86 6.22
C GLN B 413 5.84 -11.33 5.46
N PRO B 414 6.80 -11.97 6.11
CA PRO B 414 8.01 -12.45 5.41
C PRO B 414 7.82 -13.84 4.81
N TYR B 415 8.55 -14.10 3.72
CA TYR B 415 8.55 -15.43 3.12
C TYR B 415 9.44 -16.39 3.88
N CYS B 416 8.96 -17.61 4.09
CA CYS B 416 9.76 -18.67 4.72
C CYS B 416 10.47 -19.46 3.62
N LEU B 417 11.46 -18.80 3.02
CA LEU B 417 12.29 -19.38 1.96
C LEU B 417 13.74 -19.00 2.26
N ARG B 418 14.66 -19.93 1.98
CA ARG B 418 16.07 -19.67 2.23
C ARG B 418 16.71 -18.94 1.04
N VAL B 419 17.52 -17.92 1.33
CA VAL B 419 18.27 -17.24 0.28
C VAL B 419 19.40 -18.14 -0.21
N GLU B 420 19.62 -18.17 -1.53
CA GLU B 420 20.82 -18.76 -2.12
C GLU B 420 21.62 -17.58 -2.69
N SER B 421 22.76 -17.29 -2.06
N SER B 421 22.75 -17.28 -2.06
CA SER B 421 23.45 -16.03 -2.34
CA SER B 421 23.42 -16.01 -2.34
C SER B 421 23.92 -15.92 -3.78
C SER B 421 23.92 -15.92 -3.79
N ASP B 422 24.36 -17.03 -4.37
CA ASP B 422 24.83 -17.00 -5.75
C ASP B 422 23.68 -16.81 -6.75
N ILE B 423 22.56 -17.51 -6.53
CA ILE B 423 21.41 -17.32 -7.42
C ILE B 423 20.86 -15.92 -7.26
N LYS B 424 20.82 -15.41 -6.02
N LYS B 424 20.81 -15.42 -6.02
CA LYS B 424 20.39 -14.04 -5.78
CA LYS B 424 20.40 -14.05 -5.76
C LYS B 424 21.26 -13.05 -6.55
C LYS B 424 21.25 -13.07 -6.55
N ARG B 425 22.58 -13.23 -6.48
CA ARG B 425 23.48 -12.30 -7.18
C ARG B 425 23.29 -12.39 -8.69
N PHE B 426 23.08 -13.60 -9.23
CA PHE B 426 22.83 -13.76 -10.66
C PHE B 426 21.63 -12.92 -11.11
N PHE B 427 20.54 -12.96 -10.35
CA PHE B 427 19.37 -12.18 -10.77
C PHE B 427 19.52 -10.71 -10.46
N GLU B 428 20.26 -10.34 -9.41
CA GLU B 428 20.52 -8.92 -9.17
C GLU B 428 21.36 -8.30 -10.29
N ASN B 429 22.24 -9.08 -10.90
CA ASN B 429 23.17 -8.57 -11.91
C ASN B 429 22.65 -8.72 -13.32
N LEU B 430 21.44 -9.26 -13.50
CA LEU B 430 20.87 -9.45 -14.83
C LEU B 430 20.77 -8.11 -15.56
N ASN B 431 21.21 -8.08 -16.82
CA ASN B 431 21.25 -6.83 -17.58
C ASN B 431 21.02 -7.13 -19.05
N PRO B 432 19.80 -7.54 -19.43
CA PRO B 432 19.56 -7.95 -20.82
C PRO B 432 19.85 -6.88 -21.85
N MET B 433 19.62 -5.60 -21.54
CA MET B 433 19.86 -4.54 -22.53
C MET B 433 21.33 -4.23 -22.74
N GLY B 434 22.21 -4.64 -21.82
CA GLY B 434 23.62 -4.30 -22.00
C GLY B 434 23.80 -2.79 -21.98
N ASN B 435 24.64 -2.29 -22.90
CA ASN B 435 24.81 -0.84 -23.04
C ASN B 435 23.83 -0.21 -24.02
N SER B 436 22.90 -0.98 -24.57
CA SER B 436 21.99 -0.46 -25.58
C SER B 436 20.91 0.41 -24.95
N MET B 437 20.47 1.42 -25.69
CA MET B 437 19.30 2.19 -25.29
C MET B 437 18.03 1.37 -25.54
N GLU B 438 16.91 1.82 -24.94
CA GLU B 438 15.68 1.03 -24.95
C GLU B 438 15.15 0.81 -26.37
N LYS B 439 15.06 1.87 -27.18
CA LYS B 439 14.49 1.69 -28.52
C LYS B 439 15.33 0.74 -29.35
N GLU B 440 16.65 0.97 -29.35
N GLU B 440 16.66 0.89 -29.29
CA GLU B 440 17.62 0.07 -29.96
CA GLU B 440 17.52 0.01 -30.08
C GLU B 440 17.33 -1.38 -29.58
C GLU B 440 17.44 -1.43 -29.59
N PHE B 441 17.24 -1.64 -28.28
CA PHE B 441 17.11 -3.01 -27.78
C PHE B 441 15.77 -3.62 -28.15
N THR B 442 14.67 -2.88 -27.98
CA THR B 442 13.38 -3.50 -28.29
C THR B 442 13.19 -3.68 -29.79
N ASP B 443 13.80 -2.81 -30.61
CA ASP B 443 13.80 -3.07 -32.05
C ASP B 443 14.59 -4.32 -32.38
N TYR B 444 15.71 -4.54 -31.67
CA TYR B 444 16.49 -5.77 -31.87
C TYR B 444 15.65 -7.01 -31.55
N LEU B 445 14.94 -7.01 -30.42
CA LEU B 445 14.11 -8.15 -30.06
C LEU B 445 13.05 -8.40 -31.13
N PHE B 446 12.44 -7.34 -31.66
CA PHE B 446 11.40 -7.54 -32.66
C PHE B 446 11.99 -8.06 -33.96
N ASN B 447 13.16 -7.54 -34.35
CA ASN B 447 13.79 -8.05 -35.56
C ASN B 447 14.21 -9.51 -35.40
N LYS B 448 14.64 -9.92 -34.20
N LYS B 448 14.60 -9.91 -34.19
CA LYS B 448 14.92 -11.32 -33.98
CA LYS B 448 14.93 -11.30 -33.93
C LYS B 448 13.66 -12.16 -34.15
C LYS B 448 13.69 -12.18 -34.05
N SER B 449 12.54 -11.68 -33.61
CA SER B 449 11.26 -12.39 -33.77
C SER B 449 10.94 -12.60 -35.25
N LEU B 450 11.10 -11.54 -36.05
CA LEU B 450 10.84 -11.67 -37.49
C LEU B 450 11.82 -12.63 -38.16
N GLU B 451 13.06 -12.69 -37.68
CA GLU B 451 14.02 -13.64 -38.23
C GLU B 451 13.59 -15.08 -37.98
N ILE B 452 13.23 -15.41 -36.73
CA ILE B 452 13.00 -16.80 -36.37
C ILE B 452 11.63 -17.30 -36.81
N GLU B 453 10.64 -16.41 -36.95
CA GLU B 453 9.32 -16.79 -37.48
C GLU B 453 8.87 -15.66 -38.40
N PRO B 454 9.26 -15.70 -39.67
CA PRO B 454 8.94 -14.60 -40.59
C PRO B 454 7.45 -14.43 -40.81
N ARG B 455 7.06 -13.21 -41.18
N ARG B 455 7.06 -13.20 -41.17
CA ARG B 455 5.67 -12.93 -41.53
CA ARG B 455 5.67 -12.92 -41.52
C ARG B 455 5.25 -13.76 -42.74
C ARG B 455 5.26 -13.76 -42.73
N ASN B 456 4.05 -14.31 -42.67
CA ASN B 456 3.49 -14.99 -43.84
C ASN B 456 3.44 -14.00 -45.01
N PRO B 457 3.68 -14.47 -46.25
CA PRO B 457 3.86 -15.85 -46.67
C PRO B 457 5.32 -16.30 -46.74
N LYS B 458 6.24 -15.60 -46.09
CA LYS B 458 7.62 -16.04 -46.09
C LYS B 458 7.74 -17.40 -45.42
N PRO B 459 8.55 -18.30 -45.95
CA PRO B 459 8.65 -19.65 -45.36
C PRO B 459 9.36 -19.62 -44.01
N LEU B 460 9.05 -20.61 -43.20
CA LEU B 460 9.67 -20.75 -41.89
C LEU B 460 11.04 -21.41 -42.06
N PRO B 461 12.12 -20.76 -41.69
CA PRO B 461 13.45 -21.38 -41.79
C PRO B 461 13.72 -22.35 -40.65
N ARG B 462 14.80 -23.10 -40.80
CA ARG B 462 15.33 -23.98 -39.77
C ARG B 462 16.60 -23.35 -39.20
N PHE B 463 16.87 -23.62 -37.92
CA PHE B 463 18.02 -23.05 -37.24
C PHE B 463 18.70 -24.13 -36.42
N PRO B 464 20.03 -24.05 -36.26
CA PRO B 464 20.73 -25.05 -35.45
C PRO B 464 20.46 -24.87 -33.95
N LYS B 465 20.60 -25.98 -33.22
CA LYS B 465 20.50 -25.94 -31.76
C LYS B 465 21.65 -25.14 -31.17
N LYS B 466 21.38 -24.51 -30.01
CA LYS B 466 22.41 -23.77 -29.29
C LYS B 466 22.74 -24.33 -27.91
N TYR B 467 21.90 -25.20 -27.36
CA TYR B 467 22.12 -25.73 -26.00
C TYR B 467 22.70 -27.13 -26.08
N SER B 468 23.77 -27.38 -25.34
CA SER B 468 24.43 -28.68 -25.35
C SER B 468 23.97 -29.61 -24.24
N TYR B 469 23.13 -29.14 -23.34
CA TYR B 469 22.65 -29.90 -22.19
C TYR B 469 21.20 -30.31 -22.40
N PRO B 470 20.68 -31.24 -21.58
CA PRO B 470 19.30 -31.70 -21.77
C PRO B 470 18.29 -30.57 -21.57
N LEU B 471 17.26 -30.56 -22.42
CA LEU B 471 16.20 -29.58 -22.34
C LEU B 471 15.03 -30.03 -21.47
N LYS B 472 15.01 -31.28 -21.03
CA LYS B 472 13.88 -31.77 -20.26
C LYS B 472 13.79 -31.06 -18.92
N SER B 473 12.62 -30.54 -18.59
CA SER B 473 12.46 -29.85 -17.32
C SER B 473 12.43 -30.85 -16.16
N PRO B 474 13.00 -30.51 -14.99
CA PRO B 474 12.79 -31.36 -13.82
C PRO B 474 11.40 -31.21 -13.21
N GLY B 475 10.56 -30.31 -13.72
CA GLY B 475 9.24 -30.09 -13.17
C GLY B 475 9.25 -29.12 -12.00
N VAL B 476 8.06 -28.78 -11.51
CA VAL B 476 7.96 -27.80 -10.45
C VAL B 476 7.31 -28.36 -9.18
N ARG B 477 7.29 -29.68 -9.03
CA ARG B 477 6.89 -30.20 -7.73
C ARG B 477 8.13 -30.43 -6.89
N PRO B 478 8.17 -29.94 -5.64
CA PRO B 478 9.40 -30.00 -4.86
C PRO B 478 9.73 -31.41 -4.39
N SER B 479 11.02 -31.63 -4.13
CA SER B 479 11.53 -32.89 -3.64
C SER B 479 11.93 -32.74 -2.18
N ASN B 480 12.02 -33.87 -1.47
CA ASN B 480 12.34 -33.82 -0.04
C ASN B 480 13.08 -35.07 0.36
N PRO B 481 14.42 -35.05 0.30
CA PRO B 481 15.20 -36.11 0.93
C PRO B 481 15.16 -35.96 2.45
N ARG B 482 15.60 -37.01 3.14
CA ARG B 482 15.63 -36.95 4.61
C ARG B 482 16.69 -35.95 5.04
N GLY C 1 -26.58 -5.47 -27.39
CA GLY C 1 -27.12 -4.12 -27.43
C GLY C 1 -26.17 -3.09 -28.02
N MET C 2 -25.73 -2.16 -27.20
CA MET C 2 -24.96 -1.03 -27.69
C MET C 2 -23.48 -1.39 -27.82
N THR C 3 -22.82 -0.73 -28.77
CA THR C 3 -21.42 -0.98 -29.02
C THR C 3 -20.57 -0.45 -27.87
N GLU C 4 -19.56 -1.23 -27.51
CA GLU C 4 -18.55 -0.80 -26.54
C GLU C 4 -17.26 -0.52 -27.29
N TYR C 5 -16.62 0.62 -27.00
CA TYR C 5 -15.34 0.97 -27.59
C TYR C 5 -14.27 0.95 -26.51
N LYS C 6 -13.20 0.21 -26.77
CA LYS C 6 -12.09 0.11 -25.85
C LYS C 6 -11.03 1.12 -26.28
N LEU C 7 -10.90 2.20 -25.51
CA LEU C 7 -9.97 3.27 -25.81
C LEU C 7 -8.80 3.23 -24.84
N VAL C 8 -7.62 3.61 -25.33
CA VAL C 8 -6.38 3.57 -24.54
C VAL C 8 -5.72 4.93 -24.63
N VAL C 9 -5.39 5.51 -23.47
CA VAL C 9 -4.66 6.77 -23.38
C VAL C 9 -3.19 6.46 -23.21
N VAL C 10 -2.34 7.07 -24.05
CA VAL C 10 -0.90 6.87 -23.95
C VAL C 10 -0.20 8.22 -23.97
N GLY C 11 0.98 8.28 -23.38
CA GLY C 11 1.75 9.51 -23.41
C GLY C 11 2.66 9.64 -22.22
N ALA C 12 3.55 10.63 -22.28
CA ALA C 12 4.54 10.83 -21.24
C ALA C 12 3.91 11.06 -19.88
N GLY C 13 4.61 10.61 -18.83
CA GLY C 13 4.15 10.84 -17.47
C GLY C 13 4.55 12.21 -16.92
N GLY C 14 3.99 12.52 -15.76
CA GLY C 14 4.36 13.69 -14.99
C GLY C 14 3.90 15.01 -15.54
N VAL C 15 3.04 15.02 -16.55
CA VAL C 15 2.63 16.27 -17.17
C VAL C 15 1.11 16.34 -17.34
N GLY C 16 0.36 15.74 -16.42
CA GLY C 16 -1.08 15.96 -16.33
C GLY C 16 -1.95 15.15 -17.28
N LYS C 17 -1.40 14.10 -17.89
CA LYS C 17 -2.15 13.24 -18.82
C LYS C 17 -3.46 12.74 -18.22
N SER C 18 -3.46 12.39 -16.92
CA SER C 18 -4.63 11.76 -16.31
C SER C 18 -5.86 12.68 -16.25
N ALA C 19 -5.67 14.00 -16.39
CA ALA C 19 -6.80 14.91 -16.28
C ALA C 19 -7.80 14.72 -17.41
N LEU C 20 -7.35 14.21 -18.56
CA LEU C 20 -8.25 14.03 -19.69
C LEU C 20 -9.38 13.07 -19.36
N THR C 21 -9.04 11.88 -18.88
CA THR C 21 -10.06 10.89 -18.59
C THR C 21 -10.84 11.23 -17.33
N ILE C 22 -10.15 11.75 -16.30
CA ILE C 22 -10.85 12.17 -15.08
C ILE C 22 -11.93 13.19 -15.41
N GLN C 23 -11.60 14.20 -16.22
CA GLN C 23 -12.58 15.23 -16.53
C GLN C 23 -13.74 14.68 -17.36
N LEU C 24 -13.46 13.73 -18.26
CA LEU C 24 -14.52 13.11 -19.05
C LEU C 24 -15.48 12.34 -18.17
N ILE C 25 -14.93 11.36 -17.44
CA ILE C 25 -15.72 10.40 -16.67
C ILE C 25 -16.35 11.07 -15.47
N GLN C 26 -15.73 12.12 -14.97
CA GLN C 26 -16.17 12.78 -13.76
C GLN C 26 -17.65 13.06 -13.80
N ASN C 27 -18.25 13.07 -12.61
CA ASN C 27 -19.31 14.03 -12.38
C ASN C 27 -18.78 15.31 -13.01
N HIS C 28 -19.19 15.61 -14.24
CA HIS C 28 -18.67 16.79 -14.94
C HIS C 28 -18.69 18.01 -14.01
N PHE C 29 -19.73 18.14 -13.20
CA PHE C 29 -19.98 19.35 -12.42
C PHE C 29 -19.66 19.24 -10.94
N VAL C 30 -19.07 18.16 -10.46
CA VAL C 30 -18.51 18.14 -9.11
C VAL C 30 -17.08 17.65 -9.21
N ASP C 31 -16.14 18.46 -8.74
CA ASP C 31 -14.72 18.15 -8.88
C ASP C 31 -14.34 17.14 -7.80
N GLU C 32 -14.46 15.85 -8.13
CA GLU C 32 -14.28 14.76 -7.18
C GLU C 32 -14.04 13.47 -7.98
N TYR C 33 -13.37 12.49 -7.35
CA TYR C 33 -13.02 11.27 -8.05
C TYR C 33 -12.58 10.19 -7.07
N ASP C 34 -13.06 8.96 -7.28
CA ASP C 34 -12.50 7.78 -6.64
C ASP C 34 -12.15 6.78 -7.73
N PRO C 35 -10.88 6.67 -8.11
CA PRO C 35 -10.52 5.76 -9.21
C PRO C 35 -10.64 4.30 -8.85
N THR C 36 -10.72 3.96 -7.56
CA THR C 36 -10.83 2.57 -7.16
C THR C 36 -12.21 2.02 -7.42
N ILE C 37 -13.17 2.87 -7.73
CA ILE C 37 -14.57 2.46 -7.84
C ILE C 37 -14.78 1.78 -9.18
N GLU C 38 -15.17 0.50 -9.12
CA GLU C 38 -15.68 -0.27 -10.24
C GLU C 38 -16.38 0.64 -11.23
N ASP C 39 -15.81 0.75 -12.43
CA ASP C 39 -16.39 1.52 -13.53
C ASP C 39 -16.32 3.03 -13.25
N SER C 40 -15.15 3.47 -12.78
CA SER C 40 -14.75 4.86 -12.85
C SER C 40 -14.07 5.17 -14.18
N TYR C 41 -14.16 4.23 -15.13
CA TYR C 41 -13.50 4.33 -16.42
C TYR C 41 -14.43 3.82 -17.51
N ARG C 42 -15.73 3.72 -17.21
CA ARG C 42 -16.77 3.37 -18.17
C ARG C 42 -17.82 4.47 -18.18
N LYS C 43 -18.25 4.86 -19.38
CA LYS C 43 -19.21 5.95 -19.53
C LYS C 43 -20.06 5.71 -20.76
N GLN C 44 -21.38 5.76 -20.57
CA GLN C 44 -22.33 5.69 -21.67
C GLN C 44 -22.54 7.08 -22.23
N VAL C 45 -22.40 7.21 -23.56
CA VAL C 45 -22.46 8.50 -24.23
C VAL C 45 -23.26 8.35 -25.52
N VAL C 46 -23.73 9.49 -26.03
CA VAL C 46 -24.42 9.55 -27.32
C VAL C 46 -23.56 10.38 -28.26
N ILE C 47 -23.08 9.75 -29.33
CA ILE C 47 -22.21 10.38 -30.31
C ILE C 47 -22.91 10.31 -31.66
N ASP C 48 -23.20 11.49 -32.23
CA ASP C 48 -23.91 11.59 -33.50
C ASP C 48 -25.21 10.79 -33.47
N GLY C 49 -25.93 10.89 -32.36
CA GLY C 49 -27.21 10.23 -32.20
C GLY C 49 -27.16 8.75 -31.92
N GLU C 50 -25.97 8.15 -31.79
CA GLU C 50 -25.84 6.72 -31.54
C GLU C 50 -25.25 6.50 -30.15
N THR C 51 -25.99 5.79 -29.30
CA THR C 51 -25.55 5.54 -27.94
C THR C 51 -24.50 4.43 -27.92
N CYS C 52 -23.43 4.63 -27.16
CA CYS C 52 -22.38 3.64 -27.04
C CYS C 52 -21.77 3.74 -25.65
N LEU C 53 -20.93 2.75 -25.33
CA LEU C 53 -20.25 2.66 -24.04
C LEU C 53 -18.77 2.81 -24.28
N LEU C 54 -18.13 3.76 -23.60
CA LEU C 54 -16.69 3.93 -23.65
C LEU C 54 -16.05 3.21 -22.48
N ASP C 55 -15.08 2.35 -22.76
CA ASP C 55 -14.25 1.75 -21.74
C ASP C 55 -12.84 2.31 -21.94
N ILE C 56 -12.36 3.10 -20.98
CA ILE C 56 -11.12 3.85 -21.17
C ILE C 56 -10.05 3.28 -20.26
N LEU C 57 -8.92 2.89 -20.85
CA LEU C 57 -7.76 2.45 -20.09
C LEU C 57 -6.74 3.59 -20.04
N ASP C 58 -6.46 4.08 -18.83
CA ASP C 58 -5.44 5.12 -18.63
C ASP C 58 -4.57 4.63 -17.48
N THR C 59 -3.36 4.15 -17.80
CA THR C 59 -2.45 3.62 -16.81
C THR C 59 -1.50 4.68 -16.26
N ALA C 60 -1.92 5.95 -16.30
CA ALA C 60 -1.13 7.05 -15.76
C ALA C 60 -0.51 6.68 -14.43
N GLY C 61 0.77 6.96 -14.27
CA GLY C 61 1.54 6.58 -13.10
C GLY C 61 2.39 5.34 -13.28
N GLN C 62 2.10 4.51 -14.29
CA GLN C 62 2.84 3.28 -14.54
C GLN C 62 3.85 3.42 -15.68
N GLU C 63 4.23 4.65 -16.03
CA GLU C 63 5.08 4.84 -17.20
C GLU C 63 6.43 4.12 -17.07
N GLU C 64 6.94 3.96 -15.85
CA GLU C 64 8.24 3.29 -15.70
C GLU C 64 8.16 1.78 -15.99
N TYR C 65 6.97 1.18 -15.97
CA TYR C 65 6.80 -0.22 -16.37
C TYR C 65 6.79 -0.31 -17.90
N SER C 66 7.93 0.01 -18.50
CA SER C 66 7.94 0.19 -19.95
C SER C 66 7.73 -1.11 -20.71
N ALA C 67 8.03 -2.26 -20.10
CA ALA C 67 7.83 -3.52 -20.80
C ALA C 67 6.39 -4.01 -20.72
N MET C 68 5.51 -3.29 -20.00
CA MET C 68 4.08 -3.59 -19.98
C MET C 68 3.30 -2.84 -21.03
N ARG C 69 3.92 -1.90 -21.74
CA ARG C 69 3.17 -1.06 -22.65
C ARG C 69 2.53 -1.87 -23.78
N ASP C 70 3.24 -2.86 -24.31
CA ASP C 70 2.65 -3.68 -25.37
C ASP C 70 1.37 -4.35 -24.91
N GLN C 71 1.41 -4.94 -23.72
CA GLN C 71 0.24 -5.65 -23.22
C GLN C 71 -0.95 -4.70 -23.05
N TYR C 72 -0.72 -3.55 -22.43
CA TYR C 72 -1.79 -2.57 -22.26
C TYR C 72 -2.32 -2.09 -23.60
N MET C 73 -1.42 -1.78 -24.54
CA MET C 73 -1.85 -1.26 -25.84
C MET C 73 -2.66 -2.27 -26.63
N ARG C 74 -2.34 -3.57 -26.51
CA ARG C 74 -3.06 -4.52 -27.36
C ARG C 74 -4.54 -4.61 -27.00
N THR C 75 -4.92 -4.19 -25.78
CA THR C 75 -6.33 -4.21 -25.42
C THR C 75 -7.18 -3.20 -26.17
N GLY C 76 -6.59 -2.21 -26.85
CA GLY C 76 -7.34 -1.07 -27.36
C GLY C 76 -7.73 -1.16 -28.81
N GLU C 77 -8.89 -0.55 -29.14
CA GLU C 77 -9.30 -0.35 -30.52
C GLU C 77 -8.92 1.01 -31.06
N GLY C 78 -8.82 2.01 -30.20
CA GLY C 78 -8.46 3.35 -30.60
C GLY C 78 -7.62 3.98 -29.50
N PHE C 79 -6.77 4.94 -29.90
CA PHE C 79 -5.75 5.47 -29.00
C PHE C 79 -5.76 6.99 -28.99
N LEU C 80 -5.66 7.57 -27.79
CA LEU C 80 -5.39 8.98 -27.64
C LEU C 80 -3.92 9.13 -27.28
N CYS C 81 -3.13 9.75 -28.16
CA CYS C 81 -1.71 10.00 -27.90
C CYS C 81 -1.59 11.41 -27.38
N VAL C 82 -1.22 11.55 -26.10
CA VAL C 82 -1.31 12.81 -25.36
C VAL C 82 0.09 13.35 -25.09
N PHE C 83 0.29 14.65 -25.35
CA PHE C 83 1.48 15.35 -24.90
C PHE C 83 1.03 16.63 -24.21
N ALA C 84 1.94 17.21 -23.43
CA ALA C 84 1.69 18.48 -22.75
C ALA C 84 2.24 19.63 -23.58
N ILE C 85 1.44 20.69 -23.76
CA ILE C 85 1.87 21.79 -24.62
C ILE C 85 2.99 22.62 -24.02
N ASN C 86 3.35 22.41 -22.75
CA ASN C 86 4.51 23.08 -22.19
C ASN C 86 5.68 22.12 -21.95
N ASN C 87 5.69 20.96 -22.61
CA ASN C 87 6.78 19.99 -22.43
C ASN C 87 7.15 19.43 -23.80
N THR C 88 8.20 20.01 -24.40
CA THR C 88 8.59 19.61 -25.75
C THR C 88 8.98 18.14 -25.81
N LYS C 89 9.64 17.63 -24.77
CA LYS C 89 10.04 16.22 -24.78
C LYS C 89 8.82 15.31 -24.92
N SER C 90 7.71 15.62 -24.24
CA SER C 90 6.52 14.77 -24.37
C SER C 90 5.96 14.81 -25.79
N PHE C 91 6.13 15.94 -26.49
CA PHE C 91 5.72 16.03 -27.89
C PHE C 91 6.63 15.21 -28.79
N GLU C 92 7.95 15.27 -28.53
CA GLU C 92 8.89 14.49 -29.32
C GLU C 92 8.72 12.99 -29.11
N ASP C 93 8.18 12.57 -27.95
CA ASP C 93 7.90 11.15 -27.69
C ASP C 93 6.78 10.59 -28.56
N ILE C 94 5.93 11.45 -29.15
CA ILE C 94 4.72 10.98 -29.81
C ILE C 94 5.06 9.99 -30.93
N HIS C 95 6.10 10.31 -31.71
CA HIS C 95 6.45 9.44 -32.85
C HIS C 95 6.65 8.00 -32.41
N GLN C 96 7.39 7.80 -31.32
CA GLN C 96 7.67 6.44 -30.89
C GLN C 96 6.43 5.75 -30.30
N TYR C 97 5.55 6.49 -29.63
CA TYR C 97 4.29 5.90 -29.19
C TYR C 97 3.48 5.41 -30.38
N ARG C 98 3.40 6.21 -31.44
CA ARG C 98 2.62 5.81 -32.61
C ARG C 98 3.24 4.58 -33.28
N GLU C 99 4.57 4.56 -33.40
CA GLU C 99 5.22 3.39 -34.00
C GLU C 99 4.95 2.14 -33.17
N GLN C 100 4.94 2.28 -31.85
CA GLN C 100 4.71 1.12 -30.99
C GLN C 100 3.28 0.62 -31.11
N ILE C 101 2.30 1.52 -31.19
CA ILE C 101 0.92 1.14 -31.39
C ILE C 101 0.76 0.38 -32.71
N LYS C 102 1.35 0.91 -33.79
CA LYS C 102 1.25 0.23 -35.09
C LYS C 102 1.84 -1.17 -35.02
N ARG C 103 2.94 -1.33 -34.30
CA ARG C 103 3.55 -2.65 -34.18
C ARG C 103 2.67 -3.60 -33.37
N VAL C 104 2.17 -3.13 -32.22
CA VAL C 104 1.36 -3.99 -31.35
C VAL C 104 0.08 -4.43 -32.05
N LYS C 105 -0.56 -3.51 -32.79
CA LYS C 105 -1.80 -3.82 -33.48
C LYS C 105 -1.56 -4.45 -34.84
N ASP C 106 -0.31 -4.49 -35.29
CA ASP C 106 0.08 -5.09 -36.57
C ASP C 106 -0.71 -4.45 -37.72
N SER C 107 -0.73 -3.13 -37.73
CA SER C 107 -1.49 -2.39 -38.72
C SER C 107 -0.87 -1.02 -38.92
N ASP C 108 -0.85 -0.57 -40.17
CA ASP C 108 -0.37 0.78 -40.47
C ASP C 108 -1.46 1.82 -40.34
N ASP C 109 -2.70 1.42 -40.04
CA ASP C 109 -3.85 2.33 -40.01
C ASP C 109 -4.68 2.02 -38.75
N VAL C 110 -4.20 2.46 -37.61
CA VAL C 110 -4.86 2.26 -36.32
C VAL C 110 -5.60 3.54 -35.95
N PRO C 111 -6.86 3.48 -35.53
CA PRO C 111 -7.58 4.70 -35.12
C PRO C 111 -6.89 5.39 -33.95
N MET C 112 -6.55 6.66 -34.15
CA MET C 112 -5.87 7.40 -33.09
C MET C 112 -6.04 8.89 -33.32
N VAL C 113 -5.91 9.64 -32.23
CA VAL C 113 -5.98 11.09 -32.25
C VAL C 113 -4.78 11.61 -31.47
N LEU C 114 -4.28 12.75 -31.92
CA LEU C 114 -3.21 13.48 -31.21
C LEU C 114 -3.85 14.52 -30.31
N VAL C 115 -3.46 14.54 -29.04
CA VAL C 115 -4.06 15.46 -28.05
C VAL C 115 -2.97 16.29 -27.41
N GLY C 116 -3.08 17.62 -27.52
CA GLY C 116 -2.20 18.52 -26.82
C GLY C 116 -2.92 19.05 -25.61
N ASN C 117 -2.35 18.79 -24.43
CA ASN C 117 -3.00 19.04 -23.13
C ASN C 117 -2.34 20.23 -22.44
N LYS C 118 -3.16 21.19 -22.02
N LYS C 118 -3.15 21.20 -22.03
CA LYS C 118 -2.70 22.34 -21.25
CA LYS C 118 -2.65 22.34 -21.26
C LYS C 118 -2.88 22.02 -19.78
C LYS C 118 -2.87 22.03 -19.79
N CYS C 119 -1.79 21.67 -19.10
CA CYS C 119 -1.88 21.16 -17.74
C CYS C 119 -1.58 22.20 -16.67
N ASP C 120 -1.07 23.37 -17.03
CA ASP C 120 -0.89 24.44 -16.07
C ASP C 120 -0.76 25.76 -16.81
N LEU C 121 -0.35 26.80 -16.09
CA LEU C 121 -0.16 28.13 -16.65
C LEU C 121 1.29 28.39 -17.04
N ALA C 122 2.18 27.41 -16.89
CA ALA C 122 3.54 27.55 -17.40
C ALA C 122 3.52 27.79 -18.91
N ALA C 123 4.59 28.39 -19.42
CA ALA C 123 4.59 28.89 -20.79
C ALA C 123 4.49 27.74 -21.79
N ARG C 124 3.63 27.91 -22.79
CA ARG C 124 3.55 26.94 -23.87
C ARG C 124 4.86 26.90 -24.65
N THR C 125 5.34 25.68 -24.96
CA THR C 125 6.52 25.51 -25.77
C THR C 125 6.27 24.78 -27.08
N VAL C 126 5.11 24.15 -27.23
CA VAL C 126 4.73 23.51 -28.50
C VAL C 126 3.59 24.34 -29.09
N GLU C 127 3.82 24.98 -30.22
CA GLU C 127 2.78 25.78 -30.83
C GLU C 127 1.76 24.88 -31.54
N SER C 128 0.53 25.38 -31.61
N SER C 128 0.53 25.37 -31.66
CA SER C 128 -0.56 24.70 -32.32
CA SER C 128 -0.50 24.56 -32.29
C SER C 128 -0.12 24.23 -33.71
C SER C 128 -0.16 24.22 -33.74
N ARG C 129 0.54 25.12 -34.45
CA ARG C 129 0.91 24.80 -35.84
C ARG C 129 1.86 23.61 -35.91
N GLN C 130 2.83 23.52 -34.97
CA GLN C 130 3.72 22.36 -34.94
C GLN C 130 2.95 21.07 -34.76
N ALA C 131 1.97 21.07 -33.84
CA ALA C 131 1.19 19.87 -33.59
C ALA C 131 0.24 19.55 -34.74
N GLN C 132 -0.36 20.57 -35.35
CA GLN C 132 -1.20 20.34 -36.52
C GLN C 132 -0.37 19.73 -37.66
N ASP C 133 0.83 20.25 -37.89
CA ASP C 133 1.67 19.68 -38.95
C ASP C 133 2.01 18.22 -38.66
N LEU C 134 2.33 17.89 -37.41
CA LEU C 134 2.63 16.51 -37.07
C LEU C 134 1.42 15.60 -37.32
N ALA C 135 0.25 16.03 -36.83
CA ALA C 135 -0.97 15.23 -37.02
C ALA C 135 -1.28 15.04 -38.51
N ARG C 136 -1.12 16.10 -39.30
CA ARG C 136 -1.38 15.96 -40.74
C ARG C 136 -0.38 15.01 -41.39
N SER C 137 0.87 15.03 -40.94
CA SER C 137 1.85 14.10 -41.51
C SER C 137 1.47 12.65 -41.22
N TYR C 138 0.76 12.39 -40.12
CA TYR C 138 0.28 11.06 -39.76
C TYR C 138 -1.10 10.76 -40.31
N GLY C 139 -1.83 11.74 -40.81
CA GLY C 139 -3.19 11.51 -41.22
C GLY C 139 -4.19 11.34 -40.09
N ILE C 140 -4.00 12.00 -38.96
CA ILE C 140 -4.90 11.84 -37.81
C ILE C 140 -5.34 13.21 -37.32
N PRO C 141 -6.46 13.26 -36.59
CA PRO C 141 -6.93 14.55 -36.03
C PRO C 141 -6.06 15.05 -34.89
N TYR C 142 -6.11 16.36 -34.68
CA TYR C 142 -5.47 17.02 -33.54
C TYR C 142 -6.52 17.76 -32.73
N ILE C 143 -6.51 17.55 -31.41
CA ILE C 143 -7.44 18.20 -30.49
C ILE C 143 -6.61 18.78 -29.35
N GLU C 144 -6.87 20.04 -28.97
CA GLU C 144 -6.25 20.59 -27.77
C GLU C 144 -7.26 20.63 -26.63
N THR C 145 -6.77 20.36 -25.42
CA THR C 145 -7.64 20.24 -24.25
C THR C 145 -7.04 21.03 -23.09
N SER C 146 -7.91 21.47 -22.19
CA SER C 146 -7.47 22.07 -20.94
C SER C 146 -7.67 21.06 -19.80
N ALA C 147 -6.67 20.97 -18.93
CA ALA C 147 -6.76 20.08 -17.78
C ALA C 147 -7.54 20.68 -16.63
N LYS C 148 -8.00 21.92 -16.77
CA LYS C 148 -8.70 22.60 -15.68
C LYS C 148 -10.13 23.01 -16.01
N THR C 149 -10.44 23.33 -17.28
CA THR C 149 -11.75 23.86 -17.64
C THR C 149 -12.63 22.86 -18.35
N ARG C 150 -12.12 21.67 -18.63
CA ARG C 150 -12.75 20.61 -19.39
C ARG C 150 -12.90 20.95 -20.88
N GLN C 151 -12.38 22.08 -21.35
CA GLN C 151 -12.47 22.40 -22.77
C GLN C 151 -11.72 21.35 -23.59
N GLY C 152 -12.34 20.92 -24.69
CA GLY C 152 -11.73 19.99 -25.62
C GLY C 152 -11.84 18.53 -25.23
N VAL C 153 -12.24 18.21 -23.99
CA VAL C 153 -12.18 16.83 -23.51
C VAL C 153 -13.17 15.96 -24.26
N GLU C 154 -14.42 16.40 -24.34
N GLU C 154 -14.43 16.39 -24.32
CA GLU C 154 -15.41 15.62 -25.09
CA GLU C 154 -15.41 15.62 -25.08
C GLU C 154 -15.04 15.50 -26.56
C GLU C 154 -15.00 15.49 -26.54
N ASP C 155 -14.52 16.59 -27.14
CA ASP C 155 -14.09 16.55 -28.54
C ASP C 155 -13.00 15.49 -28.75
N ALA C 156 -12.04 15.37 -27.84
CA ALA C 156 -10.97 14.39 -28.03
C ALA C 156 -11.52 12.98 -28.10
N PHE C 157 -12.37 12.61 -27.13
CA PHE C 157 -12.88 11.23 -27.11
C PHE C 157 -13.88 10.98 -28.24
N TYR C 158 -14.79 11.93 -28.48
CA TYR C 158 -15.78 11.73 -29.55
C TYR C 158 -15.11 11.68 -30.92
N THR C 159 -14.08 12.51 -31.14
CA THR C 159 -13.37 12.43 -32.40
C THR C 159 -12.74 11.07 -32.59
N LEU C 160 -12.13 10.50 -31.53
CA LEU C 160 -11.56 9.16 -31.63
C LEU C 160 -12.63 8.12 -31.95
N VAL C 161 -13.80 8.20 -31.31
CA VAL C 161 -14.85 7.22 -31.62
C VAL C 161 -15.24 7.33 -33.10
N ARG C 162 -15.34 8.56 -33.63
CA ARG C 162 -15.64 8.72 -35.04
C ARG C 162 -14.56 8.13 -35.93
N GLU C 163 -13.29 8.20 -35.51
CA GLU C 163 -12.23 7.55 -36.27
C GLU C 163 -12.40 6.02 -36.29
N ILE C 164 -12.82 5.45 -35.17
CA ILE C 164 -13.09 4.02 -35.13
C ILE C 164 -14.27 3.68 -36.04
N ARG C 165 -15.34 4.45 -35.94
CA ARG C 165 -16.55 4.17 -36.74
C ARG C 165 -16.28 4.25 -38.23
N GLN C 166 -15.38 5.13 -38.63
CA GLN C 166 -15.12 5.37 -40.05
C GLN C 166 -13.88 4.65 -40.56
N HIS C 167 -13.31 3.74 -39.76
CA HIS C 167 -12.12 3.02 -40.16
C HIS C 167 -12.39 2.14 -41.37
#